data_7XWX
#
_entry.id   7XWX
#
_cell.length_a   41.456
_cell.length_b   286.665
_cell.length_c   164.342
_cell.angle_alpha   90.000
_cell.angle_beta   90.000
_cell.angle_gamma   90.000
#
_symmetry.space_group_name_H-M   'C 2 2 21'
#
loop_
_entity.id
_entity.type
_entity.pdbx_description
1 polymer Nucleoprotein
2 non-polymer 'PHOSPHATE ION'
3 water water
#
_entity_poly.entity_id   1
_entity_poly.type   'polypeptide(L)'
_entity_poly.pdbx_seq_one_letter_code
;GNVTQAFGRRGPEQTQGNFGDQELIRQGTDYKHWPQIAQFAPSASAFFGMSRIGMEVTPSGTWLTYTGAIKLDDKDPNFK
DQVILLNKHIDAYKTFPPTE
;
_entity_poly.pdbx_strand_id   A,B,C,D,E,F,G,H
#
# COMPACT_ATOMS: atom_id res chain seq x y z
N ASN A 2 11.18 22.80 -20.32
CA ASN A 2 11.09 24.25 -20.64
C ASN A 2 9.66 24.72 -20.38
N VAL A 3 9.45 25.43 -19.27
CA VAL A 3 8.10 25.80 -18.73
C VAL A 3 7.37 26.70 -19.73
N THR A 4 8.05 27.71 -20.26
CA THR A 4 7.49 28.66 -21.26
C THR A 4 7.10 27.92 -22.53
N GLN A 5 7.85 26.90 -22.99
CA GLN A 5 7.45 26.11 -24.17
C GLN A 5 6.15 25.35 -23.88
N ALA A 6 5.98 24.86 -22.66
CA ALA A 6 4.82 24.02 -22.27
C ALA A 6 3.60 24.90 -21.96
N PHE A 7 3.79 26.00 -21.22
CA PHE A 7 2.67 26.78 -20.62
C PHE A 7 2.73 28.25 -21.05
N GLY A 8 3.55 28.57 -22.05
CA GLY A 8 3.68 29.95 -22.56
C GLY A 8 4.59 30.82 -21.71
N ARG A 9 4.84 32.06 -22.16
CA ARG A 9 5.78 33.01 -21.51
C ARG A 9 5.16 33.50 -20.19
N ARG A 10 5.99 33.89 -19.24
CA ARG A 10 5.54 34.52 -17.96
C ARG A 10 5.30 36.00 -18.24
N GLY A 11 4.13 36.53 -17.87
CA GLY A 11 3.80 37.94 -18.12
C GLY A 11 2.62 38.40 -17.26
N PRO A 12 2.19 39.67 -17.42
CA PRO A 12 1.11 40.22 -16.61
C PRO A 12 -0.32 39.99 -17.13
N GLU A 13 -0.49 39.45 -18.35
CA GLU A 13 -1.84 39.27 -18.98
C GLU A 13 -2.62 38.21 -18.20
N GLN A 14 -3.95 38.27 -18.21
CA GLN A 14 -4.85 37.32 -17.49
C GLN A 14 -4.68 35.90 -18.04
N THR A 15 -4.34 35.78 -19.32
CA THR A 15 -4.18 34.49 -20.06
C THR A 15 -2.78 33.90 -19.83
N GLN A 16 -1.84 34.66 -19.26
CA GLN A 16 -0.44 34.21 -19.00
C GLN A 16 -0.32 33.68 -17.57
N GLY A 17 0.61 32.73 -17.35
CA GLY A 17 1.14 32.40 -16.02
C GLY A 17 2.14 33.45 -15.61
N ASN A 18 2.31 33.69 -14.31
CA ASN A 18 3.27 34.71 -13.79
C ASN A 18 4.35 34.08 -12.93
N PHE A 19 4.21 32.78 -12.63
CA PHE A 19 5.08 32.08 -11.64
C PHE A 19 6.30 31.49 -12.35
N GLY A 20 7.49 31.72 -11.80
CA GLY A 20 8.76 31.15 -12.30
C GLY A 20 9.81 32.21 -12.58
N ASP A 21 11.03 31.97 -12.06
CA ASP A 21 12.26 32.74 -12.34
C ASP A 21 13.04 31.99 -13.43
N GLN A 22 14.15 32.55 -13.91
CA GLN A 22 14.86 32.03 -15.11
C GLN A 22 15.30 30.59 -14.88
N GLU A 23 15.68 30.24 -13.65
CA GLU A 23 16.20 28.89 -13.32
C GLU A 23 15.07 27.86 -13.44
N LEU A 24 13.89 28.17 -12.89
CA LEU A 24 12.72 27.25 -12.90
C LEU A 24 12.21 27.06 -14.33
N ILE A 25 12.13 28.14 -15.11
CA ILE A 25 11.60 28.13 -16.50
C ILE A 25 12.44 27.21 -17.38
N ARG A 26 13.75 27.12 -17.09
CA ARG A 26 14.74 26.34 -17.88
C ARG A 26 14.76 24.90 -17.37
N GLN A 27 14.74 24.68 -16.05
CA GLN A 27 14.97 23.34 -15.44
C GLN A 27 13.63 22.62 -15.20
N GLY A 28 12.49 23.29 -15.32
CA GLY A 28 11.16 22.68 -15.09
C GLY A 28 11.13 21.89 -13.79
N THR A 29 10.69 20.63 -13.82
CA THR A 29 10.53 19.78 -12.62
C THR A 29 11.90 19.26 -12.14
N ASP A 30 12.98 19.51 -12.88
CA ASP A 30 14.37 19.13 -12.47
C ASP A 30 14.98 20.21 -11.58
N TYR A 31 14.34 21.37 -11.48
CA TYR A 31 14.72 22.52 -10.61
C TYR A 31 14.99 22.01 -9.19
N LYS A 32 16.05 22.52 -8.55
CA LYS A 32 16.55 22.09 -7.21
C LYS A 32 15.38 22.01 -6.22
N HIS A 33 14.58 23.06 -6.13
CA HIS A 33 13.57 23.28 -5.06
C HIS A 33 12.16 23.00 -5.56
N TRP A 34 12.01 22.33 -6.71
CA TRP A 34 10.68 22.03 -7.29
C TRP A 34 9.83 21.28 -6.28
N PRO A 35 10.31 20.18 -5.65
CA PRO A 35 9.50 19.41 -4.73
C PRO A 35 8.90 20.28 -3.61
N GLN A 36 9.67 21.26 -3.12
CA GLN A 36 9.25 22.20 -2.04
C GLN A 36 8.17 23.14 -2.56
N ILE A 37 8.12 23.40 -3.86
CA ILE A 37 7.03 24.21 -4.51
C ILE A 37 5.81 23.32 -4.75
N ALA A 38 6.03 22.15 -5.33
CA ALA A 38 5.00 21.19 -5.80
C ALA A 38 4.09 20.74 -4.65
N GLN A 39 4.59 20.72 -3.42
CA GLN A 39 3.82 20.28 -2.23
C GLN A 39 2.58 21.16 -2.05
N PHE A 40 2.58 22.40 -2.55
CA PHE A 40 1.44 23.35 -2.36
C PHE A 40 0.38 23.15 -3.44
N ALA A 41 0.74 22.58 -4.59
CA ALA A 41 -0.21 22.24 -5.66
C ALA A 41 -1.29 21.34 -5.08
N PRO A 42 -2.58 21.65 -5.30
CA PRO A 42 -3.66 20.85 -4.74
C PRO A 42 -3.84 19.52 -5.47
N SER A 43 -4.14 18.46 -4.72
CA SER A 43 -4.65 17.16 -5.23
C SER A 43 -5.96 17.43 -5.97
N ALA A 44 -6.42 16.46 -6.76
CA ALA A 44 -7.71 16.55 -7.50
C ALA A 44 -8.83 16.82 -6.50
N SER A 45 -8.90 16.07 -5.39
CA SER A 45 -9.93 16.24 -4.32
C SER A 45 -9.96 17.70 -3.88
N ALA A 46 -8.80 18.20 -3.45
CA ALA A 46 -8.62 19.59 -2.96
C ALA A 46 -9.05 20.57 -4.07
N PHE A 47 -8.58 20.36 -5.30
CA PHE A 47 -8.76 21.30 -6.42
C PHE A 47 -10.25 21.57 -6.62
N PHE A 48 -11.06 20.51 -6.69
CA PHE A 48 -12.53 20.60 -6.95
C PHE A 48 -13.28 20.90 -5.66
N GLY A 49 -12.73 20.49 -4.50
CA GLY A 49 -13.32 20.75 -3.18
C GLY A 49 -13.27 22.22 -2.81
N MET A 50 -12.09 22.85 -2.89
CA MET A 50 -11.88 24.19 -2.30
C MET A 50 -12.04 25.30 -3.35
N SER A 51 -11.87 25.00 -4.64
CA SER A 51 -11.85 26.04 -5.72
C SER A 51 -13.26 26.48 -6.11
N ARG A 52 -13.35 27.69 -6.66
CA ARG A 52 -14.52 28.22 -7.40
C ARG A 52 -14.36 27.83 -8.86
N ILE A 53 -15.13 26.85 -9.31
CA ILE A 53 -15.07 26.29 -10.69
C ILE A 53 -16.16 26.95 -11.52
N GLY A 54 -15.82 27.40 -12.72
CA GLY A 54 -16.77 27.89 -13.72
C GLY A 54 -16.52 27.23 -15.06
N MET A 55 -17.45 27.40 -16.00
CA MET A 55 -17.30 26.95 -17.42
C MET A 55 -17.67 28.10 -18.34
N GLU A 56 -16.76 28.52 -19.22
CA GLU A 56 -16.95 29.66 -20.15
C GLU A 56 -16.75 29.11 -21.57
N VAL A 57 -17.64 29.48 -22.49
CA VAL A 57 -17.53 29.11 -23.94
C VAL A 57 -17.23 30.39 -24.71
N THR A 58 -16.19 30.37 -25.54
CA THR A 58 -15.67 31.54 -26.29
C THR A 58 -15.31 31.06 -27.70
N PRO A 59 -14.86 31.97 -28.61
CA PRO A 59 -14.36 31.55 -29.91
C PRO A 59 -13.30 30.44 -29.79
N SER A 60 -12.31 30.65 -28.92
CA SER A 60 -11.12 29.78 -28.74
C SER A 60 -11.52 28.35 -28.32
N GLY A 61 -12.65 28.18 -27.61
CA GLY A 61 -13.19 26.85 -27.25
C GLY A 61 -13.96 26.89 -25.94
N THR A 62 -14.00 25.78 -25.23
CA THR A 62 -14.62 25.65 -23.89
C THR A 62 -13.52 25.61 -22.83
N TRP A 63 -13.66 26.45 -21.79
CA TRP A 63 -12.67 26.64 -20.69
C TRP A 63 -13.30 26.25 -19.36
N LEU A 64 -12.54 25.55 -18.52
CA LEU A 64 -12.87 25.28 -17.10
C LEU A 64 -12.11 26.29 -16.25
N THR A 65 -12.76 27.35 -15.78
CA THR A 65 -12.13 28.42 -14.98
C THR A 65 -12.04 27.95 -13.52
N TYR A 66 -11.02 28.43 -12.80
CA TYR A 66 -10.79 28.08 -11.38
C TYR A 66 -10.13 29.27 -10.66
N THR A 67 -10.62 29.48 -9.43
CA THR A 67 -10.13 30.44 -8.43
C THR A 67 -10.08 29.75 -7.07
N GLY A 68 -9.05 30.02 -6.29
CA GLY A 68 -9.01 29.64 -4.86
C GLY A 68 -7.84 30.30 -4.17
N ALA A 69 -7.61 29.90 -2.93
CA ALA A 69 -6.45 30.30 -2.11
C ALA A 69 -6.14 29.19 -1.11
N ILE A 70 -4.87 28.78 -1.04
CA ILE A 70 -4.38 27.74 -0.09
C ILE A 70 -3.76 28.45 1.11
N LYS A 71 -4.25 28.16 2.33
CA LYS A 71 -3.68 28.70 3.59
C LYS A 71 -2.39 27.94 3.87
N LEU A 72 -1.27 28.66 3.97
CA LEU A 72 0.04 28.06 4.32
C LEU A 72 0.08 27.87 5.83
N ASP A 73 0.60 26.71 6.27
CA ASP A 73 0.72 26.30 7.70
C ASP A 73 1.91 27.04 8.34
N ASP A 74 1.62 28.09 9.12
CA ASP A 74 2.65 28.96 9.79
C ASP A 74 3.31 28.19 10.93
N LYS A 75 2.68 27.13 11.46
CA LYS A 75 3.30 26.28 12.52
C LYS A 75 4.37 25.37 11.90
N ASP A 76 4.39 25.21 10.57
CA ASP A 76 5.42 24.38 9.87
C ASP A 76 6.79 25.00 10.11
N PRO A 77 7.79 24.20 10.53
CA PRO A 77 9.16 24.68 10.72
C PRO A 77 9.75 25.46 9.53
N ASN A 78 9.47 25.02 8.30
CA ASN A 78 10.10 25.57 7.07
C ASN A 78 9.27 26.72 6.50
N PHE A 79 8.23 27.18 7.21
CA PHE A 79 7.28 28.21 6.71
C PHE A 79 8.04 29.41 6.14
N LYS A 80 9.01 29.93 6.88
CA LYS A 80 9.79 31.15 6.53
C LYS A 80 10.50 30.92 5.19
N ASP A 81 11.14 29.76 5.02
CA ASP A 81 11.84 29.38 3.75
C ASP A 81 10.83 29.21 2.61
N GLN A 82 9.68 28.59 2.89
CA GLN A 82 8.60 28.30 1.91
C GLN A 82 8.08 29.61 1.31
N VAL A 83 7.69 30.58 2.14
CA VAL A 83 7.14 31.90 1.67
C VAL A 83 8.20 32.61 0.80
N ILE A 84 9.47 32.55 1.19
CA ILE A 84 10.59 33.19 0.44
C ILE A 84 10.66 32.56 -0.96
N LEU A 85 10.65 31.22 -1.01
CA LEU A 85 10.78 30.44 -2.27
C LEU A 85 9.62 30.78 -3.21
N LEU A 86 8.40 30.82 -2.69
CA LEU A 86 7.19 31.17 -3.46
C LEU A 86 7.28 32.63 -3.90
N ASN A 87 7.60 33.55 -2.98
CA ASN A 87 7.69 35.01 -3.28
C ASN A 87 8.74 35.23 -4.39
N LYS A 88 9.83 34.46 -4.35
CA LYS A 88 10.96 34.58 -5.31
C LYS A 88 10.43 34.37 -6.74
N HIS A 89 9.58 33.37 -6.94
CA HIS A 89 9.11 32.93 -8.28
C HIS A 89 7.87 33.71 -8.72
N ILE A 90 7.10 34.26 -7.79
CA ILE A 90 5.89 35.08 -8.13
C ILE A 90 6.36 36.38 -8.80
N ASP A 91 5.88 36.61 -10.03
CA ASP A 91 6.16 37.82 -10.83
C ASP A 91 7.68 38.01 -10.98
N ALA A 92 8.44 36.91 -10.99
CA ALA A 92 9.91 36.94 -11.14
C ALA A 92 10.28 37.50 -12.51
N TYR A 93 9.38 37.41 -13.50
CA TYR A 93 9.60 37.90 -14.88
C TYR A 93 9.93 39.39 -14.87
N LYS A 94 9.52 40.13 -13.84
CA LYS A 94 9.71 41.61 -13.74
C LYS A 94 11.20 41.96 -13.54
N THR A 95 12.05 40.98 -13.22
CA THR A 95 13.50 41.17 -12.95
C THR A 95 14.35 40.68 -14.13
N PHE A 96 13.72 40.06 -15.14
CA PHE A 96 14.41 39.48 -16.33
C PHE A 96 14.97 40.61 -17.17
N PRO A 97 16.28 40.58 -17.52
CA PRO A 97 16.86 41.58 -18.39
C PRO A 97 16.08 41.65 -19.69
N PRO A 98 15.97 42.85 -20.33
CA PRO A 98 15.16 43.00 -21.52
C PRO A 98 15.86 42.35 -22.72
N THR A 99 15.07 42.02 -23.74
CA THR A 99 15.53 41.43 -25.03
C THR A 99 16.27 42.48 -25.87
N GLU A 100 15.86 43.76 -25.80
CA GLU A 100 16.32 44.86 -26.70
C GLU A 100 16.34 46.18 -25.92
N GLY B 1 -24.96 -17.50 26.41
CA GLY B 1 -26.17 -17.35 27.25
C GLY B 1 -27.22 -18.36 26.84
N ASN B 2 -28.11 -18.72 27.77
CA ASN B 2 -29.25 -19.69 27.63
C ASN B 2 -30.22 -19.16 26.58
N VAL B 3 -30.21 -19.76 25.38
CA VAL B 3 -30.94 -19.26 24.17
C VAL B 3 -32.45 -19.26 24.44
N THR B 4 -32.99 -20.34 25.00
CA THR B 4 -34.42 -20.46 25.35
C THR B 4 -34.83 -19.40 26.38
N GLN B 5 -33.99 -19.04 27.36
CA GLN B 5 -34.32 -17.93 28.31
C GLN B 5 -34.42 -16.60 27.54
N ALA B 6 -33.57 -16.39 26.53
CA ALA B 6 -33.46 -15.10 25.81
C ALA B 6 -34.54 -15.03 24.72
N PHE B 7 -34.77 -16.13 23.98
CA PHE B 7 -35.58 -16.10 22.74
C PHE B 7 -36.72 -17.13 22.82
N GLY B 8 -36.99 -17.68 23.99
CA GLY B 8 -38.08 -18.66 24.19
C GLY B 8 -37.69 -20.07 23.80
N ARG B 9 -38.57 -21.03 24.06
CA ARG B 9 -38.34 -22.48 23.80
C ARG B 9 -38.33 -22.72 22.28
N ARG B 10 -37.62 -23.76 21.84
CA ARG B 10 -37.64 -24.21 20.42
C ARG B 10 -38.89 -25.07 20.22
N GLY B 11 -39.72 -24.77 19.21
CA GLY B 11 -40.94 -25.55 18.95
C GLY B 11 -41.48 -25.30 17.56
N PRO B 12 -42.62 -25.93 17.21
CA PRO B 12 -43.20 -25.82 15.87
C PRO B 12 -44.11 -24.62 15.62
N GLU B 13 -44.48 -23.85 16.65
CA GLU B 13 -45.44 -22.73 16.52
C GLU B 13 -44.80 -21.61 15.69
N GLN B 14 -45.61 -20.80 14.99
CA GLN B 14 -45.14 -19.68 14.14
C GLN B 14 -44.42 -18.62 15.00
N THR B 15 -44.82 -18.49 16.27
CA THR B 15 -44.27 -17.50 17.23
C THR B 15 -42.96 -17.98 17.86
N GLN B 16 -42.62 -19.26 17.72
CA GLN B 16 -41.39 -19.87 18.32
C GLN B 16 -40.25 -19.86 17.30
N GLY B 17 -39.01 -19.79 17.79
CA GLY B 17 -37.81 -20.17 17.03
C GLY B 17 -37.71 -21.69 16.97
N ASN B 18 -37.11 -22.24 15.91
CA ASN B 18 -36.99 -23.71 15.73
C ASN B 18 -35.52 -24.13 15.70
N PHE B 19 -34.61 -23.16 15.64
CA PHE B 19 -33.16 -23.41 15.39
C PHE B 19 -32.45 -23.63 16.72
N GLY B 20 -31.63 -24.69 16.80
CA GLY B 20 -30.78 -24.98 17.97
C GLY B 20 -30.99 -26.38 18.52
N ASP B 21 -29.88 -27.09 18.76
CA ASP B 21 -29.82 -28.41 19.45
C ASP B 21 -29.45 -28.15 20.91
N GLN B 22 -29.40 -29.18 21.76
CA GLN B 22 -29.29 -29.01 23.23
C GLN B 22 -27.99 -28.27 23.56
N GLU B 23 -26.93 -28.50 22.80
CA GLU B 23 -25.58 -27.92 23.05
C GLU B 23 -25.64 -26.41 22.81
N LEU B 24 -26.23 -25.98 21.69
CA LEU B 24 -26.29 -24.56 21.28
C LEU B 24 -27.19 -23.78 22.26
N ILE B 25 -28.33 -24.35 22.65
CA ILE B 25 -29.34 -23.69 23.53
C ILE B 25 -28.72 -23.41 24.90
N ARG B 26 -27.77 -24.24 25.33
CA ARG B 26 -27.10 -24.14 26.66
C ARG B 26 -25.88 -23.22 26.55
N GLN B 27 -25.08 -23.33 25.49
CA GLN B 27 -23.78 -22.62 25.36
C GLN B 27 -23.93 -21.28 24.62
N GLY B 28 -25.08 -21.00 24.02
CA GLY B 28 -25.32 -19.75 23.27
C GLY B 28 -24.18 -19.42 22.33
N THR B 29 -23.64 -18.21 22.38
CA THR B 29 -22.56 -17.73 21.47
C THR B 29 -21.21 -18.33 21.86
N ASP B 30 -21.13 -19.07 22.98
CA ASP B 30 -19.89 -19.77 23.42
C ASP B 30 -19.81 -21.15 22.75
N TYR B 31 -20.88 -21.60 22.11
CA TYR B 31 -20.94 -22.87 21.33
C TYR B 31 -19.74 -22.95 20.38
N LYS B 32 -19.14 -24.13 20.24
CA LYS B 32 -17.89 -24.38 19.47
C LYS B 32 -18.02 -23.77 18.07
N HIS B 33 -19.11 -24.05 17.36
CA HIS B 33 -19.27 -23.75 15.92
C HIS B 33 -20.17 -22.53 15.71
N TRP B 34 -20.40 -21.71 16.74
CA TRP B 34 -21.27 -20.52 16.62
C TRP B 34 -20.78 -19.62 15.49
N PRO B 35 -19.48 -19.24 15.44
CA PRO B 35 -19.00 -18.33 14.40
C PRO B 35 -19.33 -18.83 12.98
N GLN B 36 -19.27 -20.15 12.75
CA GLN B 36 -19.56 -20.79 11.44
C GLN B 36 -21.08 -20.70 11.14
N ILE B 37 -21.93 -20.59 12.17
CA ILE B 37 -23.40 -20.37 12.02
C ILE B 37 -23.66 -18.88 11.77
N ALA B 38 -23.07 -18.03 12.61
CA ALA B 38 -23.32 -16.57 12.68
C ALA B 38 -23.01 -15.89 11.35
N GLN B 39 -22.08 -16.44 10.56
CA GLN B 39 -21.67 -15.86 9.27
C GLN B 39 -22.87 -15.77 8.31
N PHE B 40 -23.92 -16.59 8.49
CA PHE B 40 -25.09 -16.62 7.58
C PHE B 40 -26.13 -15.57 8.00
N ALA B 41 -26.11 -15.13 9.24
CA ALA B 41 -26.99 -14.05 9.73
C ALA B 41 -26.71 -12.81 8.88
N PRO B 42 -27.75 -12.16 8.32
CA PRO B 42 -27.55 -10.96 7.50
C PRO B 42 -27.16 -9.74 8.34
N SER B 43 -26.27 -8.91 7.79
CA SER B 43 -25.97 -7.54 8.28
C SER B 43 -27.25 -6.71 8.23
N ALA B 44 -27.27 -5.56 8.91
CA ALA B 44 -28.42 -4.63 8.91
C ALA B 44 -28.78 -4.26 7.46
N SER B 45 -27.78 -3.88 6.65
CA SER B 45 -27.97 -3.51 5.22
C SER B 45 -28.71 -4.62 4.50
N ALA B 46 -28.16 -5.84 4.56
CA ALA B 46 -28.72 -7.06 3.94
C ALA B 46 -30.13 -7.30 4.47
N PHE B 47 -30.34 -7.22 5.78
CA PHE B 47 -31.62 -7.60 6.45
C PHE B 47 -32.75 -6.78 5.83
N PHE B 48 -32.58 -5.46 5.73
CA PHE B 48 -33.61 -4.52 5.21
C PHE B 48 -33.60 -4.49 3.68
N GLY B 49 -32.44 -4.77 3.07
CA GLY B 49 -32.30 -4.84 1.60
C GLY B 49 -33.04 -6.03 1.01
N MET B 50 -32.77 -7.23 1.52
CA MET B 50 -33.13 -8.53 0.88
C MET B 50 -34.47 -9.05 1.41
N SER B 51 -34.84 -8.70 2.65
CA SER B 51 -36.06 -9.25 3.33
C SER B 51 -37.33 -8.57 2.81
N ARG B 52 -38.44 -9.28 2.96
CA ARG B 52 -39.82 -8.75 2.85
C ARG B 52 -40.23 -8.29 4.25
N ILE B 53 -40.28 -6.97 4.46
CA ILE B 53 -40.61 -6.33 5.75
C ILE B 53 -42.09 -5.96 5.75
N GLY B 54 -42.80 -6.29 6.83
CA GLY B 54 -44.18 -5.86 7.08
C GLY B 54 -44.31 -5.27 8.47
N MET B 55 -45.48 -4.69 8.77
CA MET B 55 -45.86 -4.22 10.11
C MET B 55 -47.26 -4.76 10.44
N GLU B 56 -47.40 -5.48 11.55
CA GLU B 56 -48.68 -6.05 12.01
C GLU B 56 -48.97 -5.49 13.40
N VAL B 57 -50.22 -5.09 13.65
CA VAL B 57 -50.70 -4.66 14.99
C VAL B 57 -51.66 -5.74 15.50
N THR B 58 -51.43 -6.23 16.72
CA THR B 58 -52.20 -7.33 17.36
C THR B 58 -52.46 -6.95 18.81
N PRO B 59 -53.19 -7.77 19.59
CA PRO B 59 -53.32 -7.54 21.03
C PRO B 59 -51.95 -7.33 21.71
N SER B 60 -51.00 -8.24 21.45
CA SER B 60 -49.65 -8.29 22.09
C SER B 60 -48.86 -6.99 21.84
N GLY B 61 -49.08 -6.30 20.72
CA GLY B 61 -48.47 -4.99 20.43
C GLY B 61 -48.25 -4.79 18.95
N THR B 62 -47.23 -4.01 18.57
CA THR B 62 -46.83 -3.75 17.17
C THR B 62 -45.58 -4.59 16.85
N TRP B 63 -45.62 -5.32 15.73
CA TRP B 63 -44.56 -6.24 15.25
C TRP B 63 -44.01 -5.75 13.91
N LEU B 64 -42.69 -5.85 13.74
CA LEU B 64 -42.00 -5.72 12.43
C LEU B 64 -41.74 -7.13 11.90
N THR B 65 -42.55 -7.58 10.95
CA THR B 65 -42.46 -8.95 10.37
C THR B 65 -41.37 -8.94 9.29
N TYR B 66 -40.72 -10.08 9.09
CA TYR B 66 -39.63 -10.27 8.11
C TYR B 66 -39.61 -11.70 7.60
N THR B 67 -39.42 -11.80 6.28
CA THR B 67 -39.31 -13.02 5.46
C THR B 67 -38.16 -12.86 4.47
N GLY B 68 -37.41 -13.93 4.24
CA GLY B 68 -36.45 -13.97 3.12
C GLY B 68 -35.88 -15.36 2.94
N ALA B 69 -34.86 -15.45 2.12
CA ALA B 69 -34.02 -16.67 1.94
C ALA B 69 -32.64 -16.24 1.49
N ILE B 70 -31.60 -16.76 2.15
CA ILE B 70 -30.17 -16.53 1.78
C ILE B 70 -29.70 -17.74 0.96
N LYS B 71 -29.20 -17.50 -0.25
CA LYS B 71 -28.61 -18.56 -1.11
C LYS B 71 -27.23 -18.90 -0.57
N LEU B 72 -27.00 -20.15 -0.21
CA LEU B 72 -25.68 -20.65 0.24
C LEU B 72 -24.83 -20.90 -1.02
N ASP B 73 -23.57 -20.45 -0.96
CA ASP B 73 -22.58 -20.47 -2.08
C ASP B 73 -22.01 -21.89 -2.18
N ASP B 74 -22.45 -22.68 -3.17
CA ASP B 74 -22.01 -24.08 -3.39
C ASP B 74 -20.54 -24.12 -3.88
N LYS B 75 -20.01 -23.03 -4.43
CA LYS B 75 -18.58 -22.95 -4.85
C LYS B 75 -17.69 -22.80 -3.60
N ASP B 76 -18.24 -22.42 -2.44
CA ASP B 76 -17.47 -22.26 -1.18
C ASP B 76 -16.92 -23.63 -0.79
N PRO B 77 -15.61 -23.72 -0.47
CA PRO B 77 -15.00 -24.98 -0.06
C PRO B 77 -15.70 -25.69 1.10
N ASN B 78 -16.21 -24.93 2.09
CA ASN B 78 -16.76 -25.50 3.35
C ASN B 78 -18.26 -25.79 3.19
N PHE B 79 -18.83 -25.61 1.99
CA PHE B 79 -20.29 -25.71 1.74
C PHE B 79 -20.88 -26.97 2.38
N LYS B 80 -20.25 -28.13 2.15
CA LYS B 80 -20.76 -29.46 2.60
C LYS B 80 -20.86 -29.46 4.12
N ASP B 81 -19.83 -28.96 4.82
CA ASP B 81 -19.81 -28.87 6.31
C ASP B 81 -20.87 -27.88 6.79
N GLN B 82 -20.99 -26.74 6.11
CA GLN B 82 -21.93 -25.64 6.46
C GLN B 82 -23.37 -26.15 6.44
N VAL B 83 -23.81 -26.81 5.35
CA VAL B 83 -25.21 -27.33 5.22
C VAL B 83 -25.49 -28.34 6.33
N ILE B 84 -24.50 -29.19 6.67
CA ILE B 84 -24.64 -30.23 7.72
C ILE B 84 -24.90 -29.52 9.05
N LEU B 85 -24.08 -28.51 9.37
CA LEU B 85 -24.13 -27.77 10.66
C LEU B 85 -25.49 -27.10 10.81
N LEU B 86 -25.96 -26.43 9.75
CA LEU B 86 -27.27 -25.75 9.73
C LEU B 86 -28.38 -26.79 9.86
N ASN B 87 -28.33 -27.85 9.04
CA ASN B 87 -29.36 -28.92 9.03
C ASN B 87 -29.47 -29.54 10.43
N LYS B 88 -28.33 -29.70 11.11
CA LYS B 88 -28.24 -30.33 12.44
C LYS B 88 -29.13 -29.56 13.43
N HIS B 89 -29.06 -28.22 13.39
CA HIS B 89 -29.72 -27.34 14.39
C HIS B 89 -31.15 -27.01 13.99
N ILE B 90 -31.49 -27.09 12.70
CA ILE B 90 -32.88 -26.84 12.22
C ILE B 90 -33.79 -27.96 12.75
N ASP B 91 -34.82 -27.58 13.51
CA ASP B 91 -35.84 -28.48 14.07
C ASP B 91 -35.17 -29.57 14.93
N ALA B 92 -34.03 -29.25 15.54
CA ALA B 92 -33.27 -30.20 16.39
C ALA B 92 -34.11 -30.57 17.63
N TYR B 93 -35.07 -29.71 18.02
CA TYR B 93 -35.96 -29.91 19.18
C TYR B 93 -36.73 -31.23 19.04
N LYS B 94 -36.93 -31.72 17.82
CA LYS B 94 -37.72 -32.95 17.53
C LYS B 94 -37.03 -34.19 18.08
N THR B 95 -35.75 -34.10 18.46
CA THR B 95 -34.94 -35.24 18.95
C THR B 95 -34.74 -35.17 20.47
N PHE B 96 -35.19 -34.09 21.11
CA PHE B 96 -35.06 -33.87 22.58
C PHE B 96 -35.98 -34.86 23.30
N PRO B 97 -35.48 -35.62 24.29
CA PRO B 97 -36.32 -36.49 25.10
C PRO B 97 -37.48 -35.71 25.70
N PRO B 98 -38.66 -36.33 25.90
CA PRO B 98 -39.81 -35.63 26.47
C PRO B 98 -39.61 -35.38 27.98
N THR B 99 -40.51 -34.59 28.59
CA THR B 99 -40.45 -34.15 30.02
C THR B 99 -41.78 -34.46 30.72
N GLY C 1 51.48 13.93 14.72
CA GLY C 1 50.83 13.45 15.95
C GLY C 1 50.79 11.94 15.98
N ASN C 2 50.94 11.35 17.18
CA ASN C 2 51.03 9.87 17.45
C ASN C 2 49.71 9.22 17.06
N VAL C 3 49.68 8.50 15.93
CA VAL C 3 48.45 7.97 15.29
C VAL C 3 47.74 6.98 16.23
N THR C 4 48.49 6.06 16.82
CA THR C 4 47.96 5.05 17.79
C THR C 4 47.38 5.75 19.03
N GLN C 5 47.95 6.84 19.53
CA GLN C 5 47.34 7.60 20.67
C GLN C 5 45.99 8.17 20.24
N ALA C 6 45.87 8.64 19.00
CA ALA C 6 44.66 9.35 18.50
C ALA C 6 43.60 8.34 18.08
N PHE C 7 43.98 7.27 17.38
CA PHE C 7 43.02 6.36 16.69
C PHE C 7 43.23 4.91 17.15
N GLY C 8 43.98 4.70 18.22
CA GLY C 8 44.21 3.36 18.79
C GLY C 8 45.30 2.58 18.07
N ARG C 9 45.63 1.39 18.57
CA ARG C 9 46.72 0.54 18.04
C ARG C 9 46.28 -0.03 16.69
N ARG C 10 47.24 -0.34 15.80
CA ARG C 10 46.98 -1.03 14.52
C ARG C 10 46.89 -2.52 14.82
N GLY C 11 45.82 -3.21 14.39
CA GLY C 11 45.65 -4.64 14.65
C GLY C 11 44.62 -5.25 13.73
N PRO C 12 44.34 -6.57 13.88
CA PRO C 12 43.41 -7.28 13.00
C PRO C 12 41.93 -7.21 13.39
N GLU C 13 41.58 -6.68 14.57
CA GLU C 13 40.18 -6.66 15.07
C GLU C 13 39.36 -5.70 14.19
N GLN C 14 38.04 -5.93 14.08
CA GLN C 14 37.10 -5.12 13.26
C GLN C 14 37.06 -3.68 13.78
N THR C 15 37.24 -3.50 15.10
CA THR C 15 37.17 -2.21 15.81
C THR C 15 38.49 -1.44 15.72
N GLN C 16 39.57 -2.07 15.25
CA GLN C 16 40.92 -1.44 15.11
C GLN C 16 41.11 -0.90 13.68
N GLY C 17 41.92 0.14 13.53
CA GLY C 17 42.54 0.54 12.26
C GLY C 17 43.68 -0.40 11.94
N ASN C 18 43.98 -0.64 10.67
CA ASN C 18 45.08 -1.55 10.24
C ASN C 18 46.13 -0.79 9.44
N PHE C 19 45.87 0.46 9.10
CA PHE C 19 46.71 1.25 8.16
C PHE C 19 47.79 1.98 8.94
N GLY C 20 49.04 1.90 8.47
CA GLY C 20 50.20 2.63 9.03
C GLY C 20 51.36 1.74 9.40
N ASP C 21 52.56 2.12 8.97
CA ASP C 21 53.85 1.52 9.36
C ASP C 21 54.45 2.38 10.48
N GLN C 22 55.59 1.97 11.04
CA GLN C 22 56.15 2.58 12.28
C GLN C 22 56.42 4.06 12.04
N GLU C 23 56.83 4.44 10.82
CA GLU C 23 57.22 5.83 10.48
C GLU C 23 55.97 6.72 10.52
N LEU C 24 54.87 6.26 9.91
CA LEU C 24 53.62 7.03 9.79
C LEU C 24 52.98 7.18 11.19
N ILE C 25 52.97 6.12 12.00
CA ILE C 25 52.34 6.09 13.35
C ILE C 25 53.01 7.12 14.26
N ARG C 26 54.31 7.37 14.04
CA ARG C 26 55.14 8.28 14.89
C ARG C 26 55.02 9.71 14.33
N GLN C 27 55.08 9.89 13.01
CA GLN C 27 55.18 11.23 12.37
C GLN C 27 53.81 11.79 12.00
N GLY C 28 52.73 10.99 12.09
CA GLY C 28 51.37 11.43 11.74
C GLY C 28 51.35 12.17 10.40
N THR C 29 50.75 13.37 10.36
CA THR C 29 50.59 14.17 9.12
C THR C 29 51.91 14.83 8.71
N ASP C 30 52.96 14.73 9.52
CA ASP C 30 54.32 15.27 9.20
C ASP C 30 55.11 14.23 8.39
N TYR C 31 54.62 12.99 8.30
CA TYR C 31 55.20 11.89 7.48
C TYR C 31 55.50 12.40 6.06
N LYS C 32 56.65 12.01 5.49
CA LYS C 32 57.16 12.53 4.20
C LYS C 32 56.07 12.42 3.12
N HIS C 33 55.43 11.26 3.01
CA HIS C 33 54.51 10.92 1.88
C HIS C 33 53.04 11.03 2.30
N TRP C 34 52.74 11.69 3.41
CA TRP C 34 51.34 11.82 3.91
C TRP C 34 50.47 12.45 2.81
N PRO C 35 50.86 13.59 2.19
CA PRO C 35 50.02 14.23 1.19
C PRO C 35 49.61 13.27 0.06
N GLN C 36 50.52 12.38 -0.36
CA GLN C 36 50.28 11.39 -1.43
C GLN C 36 49.29 10.31 -0.95
N ILE C 37 49.18 10.09 0.36
CA ILE C 37 48.18 9.15 0.97
C ILE C 37 46.85 9.88 1.10
N ALA C 38 46.87 11.09 1.67
CA ALA C 38 45.69 11.91 2.04
C ALA C 38 44.81 12.19 0.83
N GLN C 39 45.38 12.25 -0.37
CA GLN C 39 44.62 12.57 -1.62
C GLN C 39 43.53 11.52 -1.85
N PHE C 40 43.65 10.30 -1.32
CA PHE C 40 42.67 9.22 -1.54
C PHE C 40 41.52 9.31 -0.53
N ALA C 41 41.74 9.96 0.62
CA ALA C 41 40.68 10.19 1.62
C ALA C 41 39.56 10.97 0.94
N PRO C 42 38.29 10.52 1.07
CA PRO C 42 37.16 11.24 0.47
C PRO C 42 36.82 12.53 1.23
N SER C 43 36.46 13.58 0.51
CA SER C 43 35.79 14.80 1.04
C SER C 43 34.48 14.37 1.70
N ALA C 44 33.87 15.25 2.51
CA ALA C 44 32.57 14.98 3.17
C ALA C 44 31.52 14.64 2.11
N SER C 45 31.44 15.42 1.02
CA SER C 45 30.49 15.19 -0.11
C SER C 45 30.64 13.75 -0.61
N ALA C 46 31.87 13.38 -0.99
CA ALA C 46 32.24 12.05 -1.49
C ALA C 46 31.89 10.99 -0.44
N PHE C 47 32.23 11.22 0.82
CA PHE C 47 32.09 10.22 1.91
C PHE C 47 30.64 9.77 2.01
N PHE C 48 29.69 10.72 2.04
CA PHE C 48 28.24 10.46 2.18
C PHE C 48 27.63 10.09 0.81
N GLY C 49 28.21 10.61 -0.28
CA GLY C 49 27.78 10.28 -1.66
C GLY C 49 28.05 8.83 -2.04
N MET C 50 29.29 8.38 -1.87
CA MET C 50 29.84 7.13 -2.44
C MET C 50 29.69 5.96 -1.46
N SER C 51 29.72 6.22 -0.15
CA SER C 51 29.74 5.16 0.91
C SER C 51 28.36 4.56 1.11
N ARG C 52 28.34 3.34 1.64
CA ARG C 52 27.17 2.69 2.28
C ARG C 52 27.18 3.08 3.76
N ILE C 53 26.27 3.96 4.14
CA ILE C 53 26.13 4.49 5.53
C ILE C 53 25.04 3.70 6.23
N GLY C 54 25.32 3.26 7.45
CA GLY C 54 24.35 2.60 8.35
C GLY C 54 24.39 3.25 9.72
N MET C 55 23.44 2.87 10.57
CA MET C 55 23.43 3.19 12.02
C MET C 55 23.20 1.88 12.80
N GLU C 56 24.12 1.55 13.70
CA GLU C 56 24.03 0.36 14.57
C GLU C 56 24.01 0.85 16.02
N VAL C 57 23.11 0.27 16.83
CA VAL C 57 23.07 0.50 18.30
C VAL C 57 23.52 -0.79 18.97
N THR C 58 24.50 -0.68 19.87
CA THR C 58 25.16 -1.83 20.56
C THR C 58 25.33 -1.45 22.03
N PRO C 59 25.85 -2.36 22.88
CA PRO C 59 26.18 -2.01 24.26
C PRO C 59 27.06 -0.74 24.33
N SER C 60 28.14 -0.70 23.53
CA SER C 60 29.17 0.37 23.52
C SER C 60 28.55 1.75 23.20
N GLY C 61 27.47 1.82 22.43
CA GLY C 61 26.74 3.06 22.14
C GLY C 61 26.08 3.05 20.78
N THR C 62 25.91 4.21 20.16
CA THR C 62 25.34 4.36 18.79
C THR C 62 26.48 4.68 17.82
N TRP C 63 26.57 3.94 16.71
CA TRP C 63 27.64 4.01 15.69
C TRP C 63 27.07 4.40 14.34
N LEU C 64 27.81 5.25 13.61
CA LEU C 64 27.55 5.56 12.18
C LEU C 64 28.52 4.72 11.35
N THR C 65 28.04 3.61 10.78
CA THR C 65 28.87 2.65 10.03
C THR C 65 29.04 3.17 8.61
N TYR C 66 30.17 2.83 7.99
CA TYR C 66 30.51 3.22 6.60
C TYR C 66 31.38 2.15 5.93
N THR C 67 31.04 1.88 4.68
CA THR C 67 31.65 0.90 3.75
C THR C 67 31.73 1.55 2.37
N GLY C 68 32.80 1.26 1.65
CA GLY C 68 32.89 1.57 0.22
C GLY C 68 34.18 1.06 -0.37
N ALA C 69 34.49 1.53 -1.56
CA ALA C 69 35.75 1.27 -2.28
C ALA C 69 35.99 2.43 -3.24
N ILE C 70 37.22 2.94 -3.27
CA ILE C 70 37.70 3.98 -4.23
C ILE C 70 38.44 3.25 -5.35
N LYS C 71 38.01 3.43 -6.61
CA LYS C 71 38.73 2.90 -7.79
C LYS C 71 39.94 3.80 -8.04
N LEU C 72 41.14 3.22 -8.01
CA LEU C 72 42.39 3.96 -8.30
C LEU C 72 42.52 4.06 -9.82
N ASP C 73 42.89 5.24 -10.31
CA ASP C 73 42.98 5.59 -11.75
C ASP C 73 44.31 5.06 -12.29
N ASP C 74 44.30 3.95 -13.03
CA ASP C 74 45.51 3.30 -13.62
C ASP C 74 46.12 4.18 -14.72
N LYS C 75 45.36 5.08 -15.33
CA LYS C 75 45.88 6.03 -16.37
C LYS C 75 46.68 7.15 -15.68
N ASP C 76 46.57 7.33 -14.36
CA ASP C 76 47.37 8.33 -13.60
C ASP C 76 48.84 7.96 -13.71
N PRO C 77 49.72 8.91 -14.08
CA PRO C 77 51.15 8.65 -14.16
C PRO C 77 51.78 8.03 -12.91
N ASN C 78 51.35 8.45 -11.72
CA ASN C 78 51.97 8.07 -10.42
C ASN C 78 51.34 6.78 -9.87
N PHE C 79 50.44 6.14 -10.63
CA PHE C 79 49.64 4.98 -10.17
C PHE C 79 50.54 3.94 -9.49
N LYS C 80 51.64 3.58 -10.15
CA LYS C 80 52.54 2.47 -9.71
C LYS C 80 53.08 2.81 -8.32
N ASP C 81 53.54 4.06 -8.12
CA ASP C 81 54.07 4.55 -6.83
C ASP C 81 52.96 4.57 -5.77
N GLN C 82 51.77 5.05 -6.16
CA GLN C 82 50.60 5.20 -5.27
C GLN C 82 50.20 3.85 -4.67
N VAL C 83 50.01 2.82 -5.51
CA VAL C 83 49.58 1.47 -5.03
C VAL C 83 50.62 0.90 -4.08
N ILE C 84 51.92 1.12 -4.37
CA ILE C 84 53.03 0.62 -3.52
C ILE C 84 52.93 1.28 -2.16
N LEU C 85 52.76 2.60 -2.12
CA LEU C 85 52.71 3.41 -0.87
C LEU C 85 51.54 2.96 0.01
N LEU C 86 50.38 2.77 -0.60
CA LEU C 86 49.16 2.30 0.10
C LEU C 86 49.40 0.87 0.59
N ASN C 87 49.88 -0.03 -0.29
CA ASN C 87 50.11 -1.45 0.05
C ASN C 87 51.11 -1.54 1.22
N LYS C 88 52.10 -0.66 1.24
CA LYS C 88 53.18 -0.64 2.25
C LYS C 88 52.55 -0.47 3.63
N HIS C 89 51.59 0.45 3.77
CA HIS C 89 51.00 0.84 5.08
C HIS C 89 49.83 -0.07 5.47
N ILE C 90 49.18 -0.72 4.50
CA ILE C 90 48.08 -1.68 4.79
C ILE C 90 48.65 -2.90 5.52
N ASP C 91 48.15 -3.17 6.71
CA ASP C 91 48.53 -4.32 7.57
C ASP C 91 50.04 -4.31 7.82
N ALA C 92 50.67 -3.13 7.85
CA ALA C 92 52.11 -2.97 8.10
C ALA C 92 52.44 -3.42 9.54
N TYR C 93 51.45 -3.43 10.44
CA TYR C 93 51.62 -3.86 11.86
C TYR C 93 52.14 -5.30 11.92
N LYS C 94 51.91 -6.10 10.88
CA LYS C 94 52.29 -7.55 10.85
C LYS C 94 53.82 -7.71 10.82
N THR C 95 54.56 -6.63 10.54
CA THR C 95 56.05 -6.65 10.42
C THR C 95 56.72 -6.04 11.66
N PHE C 96 55.93 -5.48 12.58
CA PHE C 96 56.43 -4.81 13.81
C PHE C 96 56.99 -5.87 14.75
N PRO C 97 58.25 -5.73 15.22
CA PRO C 97 58.80 -6.66 16.20
C PRO C 97 57.89 -6.72 17.43
N PRO C 98 57.79 -7.87 18.12
CA PRO C 98 56.99 -7.95 19.34
C PRO C 98 57.70 -7.25 20.50
N THR C 99 56.98 -7.02 21.61
CA THR C 99 57.51 -6.46 22.89
C THR C 99 57.14 -7.40 24.05
N ASN D 2 27.44 19.12 -5.65
CA ASN D 2 26.51 17.95 -5.70
C ASN D 2 27.14 16.82 -4.88
N VAL D 3 26.58 16.56 -3.69
CA VAL D 3 26.98 15.46 -2.78
C VAL D 3 26.82 14.10 -3.49
N THR D 4 25.67 13.87 -4.15
CA THR D 4 25.13 12.52 -4.50
C THR D 4 24.96 12.32 -6.01
N GLN D 5 24.73 13.34 -6.83
CA GLN D 5 24.57 13.09 -8.26
C GLN D 5 25.87 12.55 -8.86
N ALA D 6 26.96 13.15 -8.44
CA ALA D 6 28.33 12.73 -8.81
C ALA D 6 28.54 11.19 -8.81
N PHE D 7 27.77 10.45 -8.02
CA PHE D 7 27.99 9.03 -7.67
C PHE D 7 26.82 8.14 -8.09
N GLY D 8 25.90 8.66 -8.91
CA GLY D 8 24.78 7.86 -9.45
C GLY D 8 23.67 7.60 -8.44
N ARG D 9 22.79 6.65 -8.75
CA ARG D 9 21.48 6.48 -8.08
C ARG D 9 21.73 5.88 -6.69
N ARG D 10 20.85 6.17 -5.74
CA ARG D 10 20.82 5.54 -4.40
C ARG D 10 20.11 4.19 -4.55
N GLY D 11 20.70 3.11 -4.06
CA GLY D 11 20.10 1.77 -4.15
C GLY D 11 20.76 0.80 -3.18
N PRO D 12 20.34 -0.48 -3.19
CA PRO D 12 20.84 -1.46 -2.23
C PRO D 12 22.13 -2.20 -2.65
N GLU D 13 22.59 -2.04 -3.90
CA GLU D 13 23.77 -2.79 -4.43
C GLU D 13 25.03 -2.31 -3.71
N GLN D 14 26.05 -3.17 -3.62
CA GLN D 14 27.37 -2.88 -3.02
C GLN D 14 28.06 -1.73 -3.75
N THR D 15 27.82 -1.59 -5.05
CA THR D 15 28.46 -0.56 -5.92
C THR D 15 27.77 0.80 -5.80
N GLN D 16 26.57 0.86 -5.20
CA GLN D 16 25.75 2.09 -5.07
C GLN D 16 25.99 2.73 -3.70
N GLY D 17 25.82 4.05 -3.59
CA GLY D 17 25.61 4.75 -2.31
C GLY D 17 24.17 4.57 -1.88
N ASN D 18 23.87 4.64 -0.58
CA ASN D 18 22.48 4.48 -0.07
C ASN D 18 22.01 5.75 0.66
N PHE D 19 22.93 6.70 0.89
CA PHE D 19 22.67 7.88 1.75
C PHE D 19 22.11 9.01 0.90
N GLY D 20 21.03 9.65 1.36
CA GLY D 20 20.44 10.85 0.72
C GLY D 20 18.96 10.68 0.43
N ASP D 21 18.17 11.67 0.82
CA ASP D 21 16.72 11.82 0.51
C ASP D 21 16.61 12.76 -0.70
N GLN D 22 15.40 12.97 -1.21
CA GLN D 22 15.18 13.70 -2.49
C GLN D 22 15.72 15.12 -2.38
N GLU D 23 15.63 15.75 -1.21
CA GLU D 23 16.05 17.15 -0.97
C GLU D 23 17.58 17.24 -1.09
N LEU D 24 18.31 16.32 -0.46
CA LEU D 24 19.80 16.33 -0.45
C LEU D 24 20.33 16.05 -1.85
N ILE D 25 19.74 15.09 -2.57
CA ILE D 25 20.18 14.64 -3.92
C ILE D 25 20.08 15.81 -4.90
N ARG D 26 19.10 16.71 -4.69
CA ARG D 26 18.82 17.85 -5.59
C ARG D 26 19.67 19.07 -5.16
N GLN D 27 19.81 19.34 -3.86
CA GLN D 27 20.41 20.59 -3.34
C GLN D 27 21.90 20.39 -3.03
N GLY D 28 22.41 19.15 -3.05
CA GLY D 28 23.82 18.86 -2.74
C GLY D 28 24.27 19.56 -1.47
N THR D 29 25.40 20.27 -1.52
CA THR D 29 26.01 20.93 -0.33
C THR D 29 25.25 22.21 0.01
N ASP D 30 24.27 22.62 -0.81
CA ASP D 30 23.41 23.82 -0.53
C ASP D 30 22.23 23.41 0.35
N TYR D 31 22.00 22.11 0.55
CA TYR D 31 20.97 21.54 1.47
C TYR D 31 21.05 22.25 2.83
N LYS D 32 19.91 22.57 3.44
CA LYS D 32 19.84 23.42 4.66
C LYS D 32 20.73 22.81 5.76
N HIS D 33 20.64 21.50 5.97
CA HIS D 33 21.27 20.79 7.12
C HIS D 33 22.55 20.05 6.70
N TRP D 34 23.11 20.35 5.53
CA TRP D 34 24.35 19.69 5.05
C TRP D 34 25.45 19.84 6.09
N PRO D 35 25.75 21.05 6.62
CA PRO D 35 26.84 21.23 7.57
C PRO D 35 26.70 20.31 8.79
N GLN D 36 25.47 20.09 9.26
CA GLN D 36 25.16 19.20 10.43
C GLN D 36 25.39 17.73 10.05
N ILE D 37 25.33 17.37 8.77
CA ILE D 37 25.67 16.01 8.27
C ILE D 37 27.19 15.90 8.12
N ALA D 38 27.80 16.88 7.45
CA ALA D 38 29.22 16.91 7.04
C ALA D 38 30.14 16.79 8.26
N GLN D 39 29.71 17.24 9.43
CA GLN D 39 30.54 17.21 10.67
C GLN D 39 30.92 15.76 11.02
N PHE D 40 30.16 14.77 10.57
CA PHE D 40 30.42 13.35 10.91
C PHE D 40 31.41 12.72 9.93
N ALA D 41 31.54 13.28 8.73
CA ALA D 41 32.51 12.81 7.72
C ALA D 41 33.90 12.90 8.35
N PRO D 42 34.71 11.82 8.28
CA PRO D 42 36.07 11.85 8.83
C PRO D 42 37.02 12.68 7.96
N SER D 43 37.91 13.43 8.60
CA SER D 43 39.11 14.06 7.99
C SER D 43 39.97 12.96 7.39
N ALA D 44 40.93 13.32 6.54
CA ALA D 44 41.90 12.37 5.95
C ALA D 44 42.62 11.61 7.07
N SER D 45 43.12 12.30 8.09
CA SER D 45 43.82 11.69 9.25
C SER D 45 42.95 10.60 9.87
N ALA D 46 41.72 10.98 10.24
CA ALA D 46 40.70 10.08 10.83
C ALA D 46 40.42 8.91 9.88
N PHE D 47 40.22 9.18 8.60
CA PHE D 47 39.79 8.18 7.59
C PHE D 47 40.81 7.03 7.57
N PHE D 48 42.11 7.34 7.48
CA PHE D 48 43.20 6.35 7.39
C PHE D 48 43.57 5.83 8.79
N GLY D 49 43.36 6.64 9.83
CA GLY D 49 43.61 6.25 11.23
C GLY D 49 42.63 5.18 11.71
N MET D 50 41.33 5.44 11.57
CA MET D 50 40.29 4.64 12.27
C MET D 50 39.68 3.59 11.36
N SER D 51 39.77 3.72 10.03
CA SER D 51 39.17 2.76 9.06
C SER D 51 40.04 1.51 8.92
N ARG D 52 39.45 0.46 8.35
CA ARG D 52 40.13 -0.76 7.99
C ARG D 52 40.25 -0.61 6.50
N ILE D 53 41.45 -0.38 6.02
CA ILE D 53 41.82 -0.12 4.60
C ILE D 53 42.30 -1.44 3.99
N GLY D 54 41.79 -1.76 2.80
CA GLY D 54 42.28 -2.90 1.99
C GLY D 54 42.54 -2.47 0.57
N MET D 55 43.11 -3.37 -0.24
CA MET D 55 43.31 -3.20 -1.70
C MET D 55 42.81 -4.47 -2.40
N GLU D 56 41.88 -4.33 -3.34
CA GLU D 56 41.32 -5.45 -4.14
C GLU D 56 41.61 -5.15 -5.61
N VAL D 57 42.00 -6.18 -6.36
CA VAL D 57 42.14 -6.13 -7.85
C VAL D 57 41.01 -6.98 -8.45
N THR D 58 40.29 -6.41 -9.40
CA THR D 58 39.12 -7.03 -10.08
C THR D 58 39.22 -6.72 -11.57
N PRO D 59 38.29 -7.23 -12.41
CA PRO D 59 38.24 -6.84 -13.82
C PRO D 59 38.22 -5.31 -13.98
N SER D 60 37.35 -4.63 -13.24
CA SER D 60 37.09 -3.16 -13.34
C SER D 60 38.36 -2.34 -13.05
N GLY D 61 39.28 -2.84 -12.22
CA GLY D 61 40.58 -2.21 -11.96
C GLY D 61 41.06 -2.49 -10.54
N THR D 62 41.83 -1.55 -9.97
CA THR D 62 42.35 -1.63 -8.59
C THR D 62 41.52 -0.70 -7.68
N TRP D 63 41.06 -1.22 -6.54
CA TRP D 63 40.18 -0.53 -5.56
C TRP D 63 40.88 -0.41 -4.21
N LEU D 64 40.69 0.75 -3.55
CA LEU D 64 41.06 0.96 -2.14
C LEU D 64 39.79 0.80 -1.31
N THR D 65 39.60 -0.34 -0.65
CA THR D 65 38.40 -0.64 0.18
C THR D 65 38.57 0.03 1.54
N TYR D 66 37.46 0.39 2.16
CA TYR D 66 37.41 1.00 3.51
C TYR D 66 36.11 0.60 4.24
N THR D 67 36.29 0.28 5.52
CA THR D 67 35.26 -0.05 6.53
C THR D 67 35.56 0.69 7.83
N GLY D 68 34.54 1.19 8.50
CA GLY D 68 34.70 1.69 9.87
C GLY D 68 33.37 2.05 10.50
N ALA D 69 33.44 2.70 11.64
CA ALA D 69 32.28 3.23 12.39
C ALA D 69 32.74 4.44 13.21
N ILE D 70 31.97 5.52 13.15
CA ILE D 70 32.16 6.73 14.00
C ILE D 70 31.18 6.61 15.18
N LYS D 71 31.70 6.67 16.41
CA LYS D 71 30.88 6.65 17.65
C LYS D 71 30.29 8.05 17.82
N LEU D 72 28.95 8.14 17.85
CA LEU D 72 28.25 9.42 18.10
C LEU D 72 28.29 9.69 19.60
N ASP D 73 28.56 10.95 19.97
CA ASP D 73 28.66 11.42 21.38
C ASP D 73 27.25 11.62 21.93
N ASP D 74 26.74 10.68 22.76
CA ASP D 74 25.40 10.75 23.40
C ASP D 74 25.33 11.90 24.44
N LYS D 75 26.47 12.34 24.97
CA LYS D 75 26.65 13.52 25.84
C LYS D 75 26.29 14.83 25.11
N ASP D 76 26.43 14.83 23.78
CA ASP D 76 26.21 16.04 22.93
C ASP D 76 24.73 16.42 23.05
N PRO D 77 24.43 17.71 23.33
CA PRO D 77 23.05 18.18 23.42
C PRO D 77 22.16 17.83 22.20
N ASN D 78 22.73 17.91 21.00
CA ASN D 78 21.98 17.78 19.73
C ASN D 78 21.91 16.31 19.28
N PHE D 79 22.41 15.38 20.08
CA PHE D 79 22.51 13.94 19.73
C PHE D 79 21.19 13.43 19.13
N LYS D 80 20.06 13.69 19.80
CA LYS D 80 18.72 13.17 19.40
C LYS D 80 18.38 13.71 18.00
N ASP D 81 18.62 14.99 17.74
CA ASP D 81 18.38 15.64 16.42
C ASP D 81 19.32 15.04 15.36
N GLN D 82 20.59 14.82 15.72
CA GLN D 82 21.66 14.29 14.84
C GLN D 82 21.26 12.90 14.33
N VAL D 83 20.91 11.97 15.21
CA VAL D 83 20.47 10.59 14.84
C VAL D 83 19.27 10.65 13.89
N ILE D 84 18.31 11.54 14.13
CA ILE D 84 17.08 11.69 13.30
C ILE D 84 17.53 12.12 11.90
N LEU D 85 18.39 13.13 11.79
CA LEU D 85 18.85 13.71 10.50
C LEU D 85 19.58 12.62 9.69
N LEU D 86 20.47 11.87 10.34
CA LEU D 86 21.23 10.78 9.71
C LEU D 86 20.24 9.68 9.30
N ASN D 87 19.37 9.24 10.21
CA ASN D 87 18.39 8.15 9.97
C ASN D 87 17.51 8.51 8.78
N LYS D 88 17.15 9.80 8.67
CA LYS D 88 16.27 10.33 7.60
C LYS D 88 16.88 10.01 6.23
N HIS D 89 18.18 10.23 6.07
CA HIS D 89 18.89 10.13 4.77
C HIS D 89 19.37 8.69 4.51
N ILE D 90 19.59 7.90 5.54
CA ILE D 90 20.05 6.48 5.39
C ILE D 90 18.92 5.66 4.75
N ASP D 91 19.19 5.05 3.60
CA ASP D 91 18.23 4.19 2.86
C ASP D 91 16.93 4.96 2.59
N ALA D 92 17.03 6.29 2.42
CA ALA D 92 15.87 7.17 2.17
C ALA D 92 15.23 6.79 0.84
N TYR D 93 15.98 6.19 -0.09
CA TYR D 93 15.50 5.82 -1.45
C TYR D 93 14.30 4.86 -1.33
N LYS D 94 14.18 4.13 -0.22
CA LYS D 94 13.12 3.10 -0.03
C LYS D 94 11.74 3.75 0.09
N THR D 95 11.68 5.07 0.32
CA THR D 95 10.44 5.84 0.60
C THR D 95 10.11 6.73 -0.60
N PHE D 96 10.92 6.72 -1.67
CA PHE D 96 10.75 7.59 -2.86
C PHE D 96 9.45 7.23 -3.60
N PRO D 97 8.49 8.17 -3.71
CA PRO D 97 7.26 7.94 -4.47
C PRO D 97 7.43 8.31 -5.96
N ALA E 6 -15.32 18.09 4.81
CA ALA E 6 -13.85 18.20 4.57
C ALA E 6 -13.49 19.61 4.06
N PHE E 7 -14.30 20.18 3.17
CA PHE E 7 -13.94 21.41 2.41
C PHE E 7 -14.97 22.53 2.64
N GLY E 8 -15.89 22.35 3.60
CA GLY E 8 -16.95 23.33 3.89
C GLY E 8 -18.13 23.24 2.93
N ARG E 9 -19.20 24.01 3.20
CA ARG E 9 -20.47 23.95 2.44
C ARG E 9 -20.25 24.59 1.06
N ARG E 10 -21.03 24.18 0.06
CA ARG E 10 -21.03 24.78 -1.30
C ARG E 10 -21.90 26.03 -1.26
N GLY E 11 -21.39 27.16 -1.74
CA GLY E 11 -22.14 28.43 -1.73
C GLY E 11 -21.50 29.46 -2.65
N PRO E 12 -22.05 30.69 -2.70
CA PRO E 12 -21.58 31.72 -3.62
C PRO E 12 -20.44 32.60 -3.08
N GLU E 13 -20.06 32.48 -1.81
CA GLU E 13 -19.03 33.35 -1.18
C GLU E 13 -17.66 33.02 -1.78
N GLN E 14 -16.74 33.99 -1.77
CA GLN E 14 -15.36 33.84 -2.33
C GLN E 14 -14.58 32.78 -1.55
N THR E 15 -14.89 32.62 -0.27
CA THR E 15 -14.22 31.67 0.66
C THR E 15 -14.77 30.25 0.51
N GLN E 16 -15.90 30.06 -0.17
CA GLN E 16 -16.58 28.75 -0.35
C GLN E 16 -16.17 28.14 -1.69
N GLY E 17 -16.18 26.81 -1.78
CA GLY E 17 -16.21 26.06 -3.05
C GLY E 17 -17.64 26.07 -3.59
N ASN E 18 -17.82 25.94 -4.90
CA ASN E 18 -19.16 25.93 -5.52
C ASN E 18 -19.42 24.59 -6.24
N PHE E 19 -18.40 23.74 -6.36
CA PHE E 19 -18.45 22.51 -7.19
C PHE E 19 -18.96 21.35 -6.33
N GLY E 20 -19.94 20.59 -6.84
CA GLY E 20 -20.47 19.36 -6.20
C GLY E 20 -21.98 19.39 -6.03
N ASP E 21 -22.62 18.29 -6.44
CA ASP E 21 -24.07 18.00 -6.21
C ASP E 21 -24.17 17.12 -4.97
N GLN E 22 -25.39 16.80 -4.53
CA GLN E 22 -25.63 16.16 -3.21
C GLN E 22 -24.92 14.80 -3.18
N GLU E 23 -24.86 14.09 -4.30
CA GLU E 23 -24.30 12.73 -4.39
C GLU E 23 -22.78 12.79 -4.17
N LEU E 24 -22.10 13.73 -4.82
CA LEU E 24 -20.62 13.87 -4.76
C LEU E 24 -20.22 14.30 -3.34
N ILE E 25 -20.94 15.26 -2.74
CA ILE E 25 -20.63 15.84 -1.40
C ILE E 25 -20.69 14.73 -0.34
N ARG E 26 -21.55 13.72 -0.54
CA ARG E 26 -21.79 12.62 0.43
C ARG E 26 -20.80 11.48 0.15
N GLN E 27 -20.55 11.14 -1.12
CA GLN E 27 -19.76 9.93 -1.50
C GLN E 27 -18.27 10.28 -1.70
N GLY E 28 -17.91 11.57 -1.74
CA GLY E 28 -16.51 12.00 -1.93
C GLY E 28 -15.87 11.29 -3.11
N THR E 29 -14.68 10.70 -2.92
CA THR E 29 -13.90 10.05 -4.01
C THR E 29 -14.49 8.68 -4.33
N ASP E 30 -15.49 8.21 -3.58
CA ASP E 30 -16.19 6.91 -3.84
C ASP E 30 -17.32 7.14 -4.86
N TYR E 31 -17.67 8.39 -5.16
CA TYR E 31 -18.66 8.79 -6.18
C TYR E 31 -18.38 8.06 -7.49
N LYS E 32 -19.44 7.59 -8.16
CA LYS E 32 -19.37 6.72 -9.37
C LYS E 32 -18.43 7.34 -10.40
N HIS E 33 -18.60 8.63 -10.71
CA HIS E 33 -17.92 9.32 -11.84
C HIS E 33 -16.75 10.19 -11.37
N TRP E 34 -16.27 9.99 -10.14
CA TRP E 34 -15.16 10.80 -9.57
C TRP E 34 -13.95 10.74 -10.53
N PRO E 35 -13.48 9.54 -10.96
CA PRO E 35 -12.29 9.46 -11.80
C PRO E 35 -12.41 10.33 -13.06
N GLN E 36 -13.61 10.38 -13.66
CA GLN E 36 -13.92 11.17 -14.89
C GLN E 36 -13.88 12.67 -14.57
N ILE E 37 -14.10 13.09 -13.32
CA ILE E 37 -13.97 14.50 -12.85
C ILE E 37 -12.50 14.80 -12.58
N ALA E 38 -11.84 13.92 -11.82
CA ALA E 38 -10.48 14.10 -11.28
C ALA E 38 -9.46 14.30 -12.42
N GLN E 39 -9.72 13.74 -13.59
CA GLN E 39 -8.79 13.84 -14.76
C GLN E 39 -8.57 15.30 -15.16
N PHE E 40 -9.49 16.22 -14.84
CA PHE E 40 -9.38 17.65 -15.24
C PHE E 40 -8.56 18.44 -14.23
N ALA E 41 -8.44 17.96 -12.99
CA ALA E 41 -7.60 18.59 -11.95
C ALA E 41 -6.17 18.70 -12.50
N PRO E 42 -5.54 19.88 -12.43
CA PRO E 42 -4.18 20.06 -12.95
C PRO E 42 -3.13 19.39 -12.08
N SER E 43 -2.12 18.79 -12.72
CA SER E 43 -0.86 18.33 -12.09
C SER E 43 -0.18 19.54 -11.46
N ALA E 44 0.79 19.30 -10.58
CA ALA E 44 1.60 20.35 -9.94
C ALA E 44 2.25 21.22 -11.01
N SER E 45 2.87 20.61 -12.04
CA SER E 45 3.53 21.33 -13.17
C SER E 45 2.55 22.30 -13.79
N ALA E 46 1.39 21.79 -14.21
CA ALA E 46 0.29 22.57 -14.82
C ALA E 46 -0.16 23.68 -13.87
N PHE E 47 -0.38 23.34 -12.59
CA PHE E 47 -0.95 24.29 -11.61
C PHE E 47 -0.09 25.55 -11.53
N PHE E 48 1.22 25.40 -11.38
CA PHE E 48 2.19 26.52 -11.23
C PHE E 48 2.56 27.10 -12.61
N GLY E 49 2.49 26.28 -13.66
CA GLY E 49 2.76 26.71 -15.05
C GLY E 49 1.69 27.66 -15.57
N MET E 50 0.42 27.26 -15.49
CA MET E 50 -0.70 27.92 -16.19
C MET E 50 -1.35 29.00 -15.32
N SER E 51 -1.32 28.83 -14.00
CA SER E 51 -2.07 29.68 -13.05
C SER E 51 -1.35 31.03 -12.83
N ARG E 52 -2.16 32.03 -12.45
CA ARG E 52 -1.73 33.32 -11.86
C ARG E 52 -1.67 33.12 -10.36
N ILE E 53 -0.45 33.04 -9.82
CA ILE E 53 -0.18 32.80 -8.38
C ILE E 53 0.07 34.15 -7.71
N GLY E 54 -0.58 34.39 -6.57
CA GLY E 54 -0.32 35.54 -5.71
C GLY E 54 -0.12 35.10 -4.28
N MET E 55 0.27 36.05 -3.42
CA MET E 55 0.43 35.82 -1.95
C MET E 55 -0.22 36.98 -1.21
N GLU E 56 -1.16 36.69 -0.31
CA GLU E 56 -1.90 37.70 0.50
C GLU E 56 -1.64 37.36 1.97
N VAL E 57 -1.40 38.39 2.78
CA VAL E 57 -1.24 38.29 4.26
C VAL E 57 -2.46 38.96 4.89
N THR E 58 -3.09 38.26 5.83
CA THR E 58 -4.30 38.72 6.56
C THR E 58 -4.13 38.35 8.04
N PRO E 59 -5.08 38.71 8.93
CA PRO E 59 -5.05 38.25 10.31
C PRO E 59 -4.88 36.71 10.39
N SER E 60 -5.70 35.97 9.65
CA SER E 60 -5.79 34.48 9.67
C SER E 60 -4.43 33.84 9.33
N GLY E 61 -3.61 34.48 8.48
CA GLY E 61 -2.25 34.01 8.16
C GLY E 61 -1.83 34.41 6.77
N THR E 62 -0.98 33.60 6.14
CA THR E 62 -0.47 33.81 4.77
C THR E 62 -1.19 32.83 3.82
N TRP E 63 -1.71 33.35 2.71
CA TRP E 63 -2.52 32.62 1.69
C TRP E 63 -1.82 32.65 0.33
N LEU E 64 -1.84 31.53 -0.38
CA LEU E 64 -1.34 31.40 -1.77
C LEU E 64 -2.55 31.44 -2.70
N THR E 65 -2.82 32.57 -3.33
CA THR E 65 -3.99 32.74 -4.25
C THR E 65 -3.64 32.15 -5.62
N TYR E 66 -4.65 31.66 -6.35
CA TYR E 66 -4.48 31.08 -7.70
C TYR E 66 -5.75 31.33 -8.55
N THR E 67 -5.49 31.67 -9.82
CA THR E 67 -6.47 31.86 -10.92
C THR E 67 -5.93 31.20 -12.18
N GLY E 68 -6.79 30.53 -12.94
CA GLY E 68 -6.47 30.08 -14.31
C GLY E 68 -7.65 29.36 -14.92
N ALA E 69 -7.46 28.79 -16.11
CA ALA E 69 -8.52 28.11 -16.88
C ALA E 69 -7.91 27.02 -17.76
N ILE E 70 -8.49 25.83 -17.72
CA ILE E 70 -8.05 24.66 -18.55
C ILE E 70 -8.99 24.57 -19.77
N LYS E 71 -8.45 24.63 -20.99
CA LYS E 71 -9.25 24.40 -22.23
C LYS E 71 -9.51 22.91 -22.38
N LEU E 72 -10.77 22.51 -22.46
CA LEU E 72 -11.14 21.12 -22.63
C LEU E 72 -10.92 20.70 -24.07
N ASP E 73 -10.89 19.38 -24.28
CA ASP E 73 -10.59 18.81 -25.58
C ASP E 73 -11.74 18.48 -26.49
N ASP E 74 -11.76 19.16 -27.61
CA ASP E 74 -12.78 19.02 -28.63
C ASP E 74 -12.76 17.68 -29.33
N LYS E 75 -11.57 17.21 -29.63
CA LYS E 75 -11.38 15.95 -30.30
C LYS E 75 -11.85 14.78 -29.48
N ASP E 76 -11.60 14.87 -28.17
CA ASP E 76 -11.92 13.84 -27.21
C ASP E 76 -13.29 13.28 -27.39
N PRO E 77 -13.38 12.01 -27.76
CA PRO E 77 -14.65 11.33 -27.97
C PRO E 77 -15.73 11.60 -26.90
N ASN E 78 -15.33 11.68 -25.64
CA ASN E 78 -16.26 11.76 -24.47
C ASN E 78 -16.57 13.23 -24.14
N PHE E 79 -16.06 14.15 -24.92
CA PHE E 79 -16.24 15.58 -24.73
C PHE E 79 -17.62 16.05 -24.30
N LYS E 80 -18.64 15.59 -25.00
CA LYS E 80 -20.06 15.96 -24.79
C LYS E 80 -20.51 15.47 -23.40
N ASP E 81 -20.15 14.24 -23.04
CA ASP E 81 -20.48 13.64 -21.71
C ASP E 81 -19.73 14.39 -20.60
N GLN E 82 -18.46 14.71 -20.83
CA GLN E 82 -17.56 15.39 -19.87
C GLN E 82 -18.14 16.76 -19.50
N VAL E 83 -18.50 17.60 -20.47
CA VAL E 83 -19.08 18.97 -20.21
C VAL E 83 -20.36 18.83 -19.40
N ILE E 84 -21.20 17.83 -19.70
CA ILE E 84 -22.47 17.59 -18.97
C ILE E 84 -22.15 17.29 -17.50
N LEU E 85 -21.20 16.37 -17.25
CA LEU E 85 -20.81 15.91 -15.89
C LEU E 85 -20.29 17.11 -15.08
N LEU E 86 -19.42 17.92 -15.69
CA LEU E 86 -18.85 19.12 -15.05
C LEU E 86 -19.96 20.14 -14.80
N ASN E 87 -20.78 20.44 -15.82
CA ASN E 87 -21.88 21.44 -15.74
C ASN E 87 -22.83 21.03 -14.61
N LYS E 88 -23.08 19.73 -14.46
CA LYS E 88 -24.00 19.17 -13.45
C LYS E 88 -23.56 19.60 -12.05
N HIS E 89 -22.25 19.51 -11.76
CA HIS E 89 -21.68 19.75 -10.41
C HIS E 89 -21.38 21.23 -10.17
N ILE E 90 -21.15 22.01 -11.23
CA ILE E 90 -20.85 23.47 -11.09
C ILE E 90 -22.11 24.19 -10.60
N ASP E 91 -22.02 24.87 -9.45
CA ASP E 91 -23.14 25.65 -8.85
C ASP E 91 -24.37 24.75 -8.67
N ALA E 92 -24.15 23.46 -8.43
CA ALA E 92 -25.23 22.47 -8.23
C ALA E 92 -26.01 22.82 -6.97
N TYR E 93 -25.39 23.53 -6.01
CA TYR E 93 -26.03 23.92 -4.72
C TYR E 93 -27.29 24.74 -4.98
N LYS E 94 -27.39 25.41 -6.12
CA LYS E 94 -28.52 26.33 -6.44
C LYS E 94 -29.82 25.54 -6.67
N THR E 95 -29.73 24.21 -6.84
CA THR E 95 -30.88 23.32 -7.15
C THR E 95 -31.24 22.48 -5.92
N PHE E 96 -30.49 22.59 -4.82
CA PHE E 96 -30.76 21.85 -3.54
C PHE E 96 -32.04 22.44 -2.95
N PRO E 97 -33.20 21.74 -2.94
CA PRO E 97 -34.49 22.42 -2.78
C PRO E 97 -35.02 22.59 -1.34
N ASN F 2 -24.27 0.18 0.25
CA ASN F 2 -25.51 0.13 -0.59
C ASN F 2 -26.49 -0.87 0.02
N VAL F 3 -27.52 -0.37 0.71
CA VAL F 3 -28.54 -1.18 1.43
C VAL F 3 -29.31 -2.05 0.43
N THR F 4 -29.77 -1.46 -0.68
CA THR F 4 -30.88 -1.97 -1.54
C THR F 4 -30.44 -2.18 -3.00
N GLN F 5 -29.46 -1.45 -3.51
CA GLN F 5 -29.01 -1.57 -4.92
C GLN F 5 -28.47 -2.99 -5.19
N ALA F 6 -27.75 -3.59 -4.23
CA ALA F 6 -27.13 -4.93 -4.39
C ALA F 6 -28.15 -6.08 -4.30
N PHE F 7 -29.43 -5.81 -4.08
CA PHE F 7 -30.48 -6.80 -3.78
C PHE F 7 -31.65 -6.68 -4.77
N GLY F 8 -31.44 -5.97 -5.89
CA GLY F 8 -32.42 -5.86 -6.97
C GLY F 8 -33.50 -4.83 -6.69
N ARG F 9 -34.47 -4.72 -7.60
CA ARG F 9 -35.56 -3.73 -7.54
C ARG F 9 -36.53 -4.12 -6.42
N ARG F 10 -37.23 -3.13 -5.87
CA ARG F 10 -38.30 -3.32 -4.86
C ARG F 10 -39.56 -3.70 -5.61
N GLY F 11 -40.24 -4.77 -5.20
CA GLY F 11 -41.50 -5.21 -5.86
C GLY F 11 -42.27 -6.18 -4.97
N PRO F 12 -43.41 -6.73 -5.45
CA PRO F 12 -44.27 -7.59 -4.65
C PRO F 12 -43.90 -9.08 -4.67
N GLU F 13 -42.97 -9.52 -5.54
CA GLU F 13 -42.62 -10.95 -5.71
C GLU F 13 -41.93 -11.46 -4.44
N GLN F 14 -42.03 -12.77 -4.18
CA GLN F 14 -41.42 -13.46 -3.00
C GLN F 14 -39.90 -13.33 -3.07
N THR F 15 -39.32 -13.26 -4.28
CA THR F 15 -37.86 -13.20 -4.52
C THR F 15 -37.33 -11.77 -4.37
N GLN F 16 -38.21 -10.76 -4.33
CA GLN F 16 -37.82 -9.32 -4.25
C GLN F 16 -37.87 -8.86 -2.79
N GLY F 17 -37.06 -7.85 -2.45
CA GLY F 17 -37.24 -7.02 -1.25
C GLY F 17 -38.32 -6.00 -1.52
N ASN F 18 -39.02 -5.52 -0.48
CA ASN F 18 -40.10 -4.51 -0.63
C ASN F 18 -39.75 -3.23 0.13
N PHE F 19 -38.68 -3.24 0.93
CA PHE F 19 -38.37 -2.14 1.87
C PHE F 19 -37.47 -1.12 1.17
N GLY F 20 -37.82 0.17 1.28
CA GLY F 20 -37.00 1.29 0.78
C GLY F 20 -37.79 2.21 -0.13
N ASP F 21 -37.68 3.52 0.13
CA ASP F 21 -38.22 4.61 -0.73
C ASP F 21 -37.07 5.11 -1.61
N GLN F 22 -37.35 6.04 -2.52
CA GLN F 22 -36.40 6.42 -3.59
C GLN F 22 -35.14 7.02 -2.96
N GLU F 23 -35.29 7.72 -1.83
CA GLU F 23 -34.16 8.41 -1.15
C GLU F 23 -33.20 7.37 -0.56
N LEU F 24 -33.73 6.34 0.11
CA LEU F 24 -32.91 5.29 0.77
C LEU F 24 -32.20 4.45 -0.29
N ILE F 25 -32.88 4.10 -1.37
CA ILE F 25 -32.34 3.23 -2.47
C ILE F 25 -31.13 3.91 -3.12
N ARG F 26 -31.12 5.24 -3.16
CA ARG F 26 -30.06 6.06 -3.80
C ARG F 26 -28.94 6.34 -2.80
N GLN F 27 -29.26 6.66 -1.54
CA GLN F 27 -28.28 7.12 -0.53
C GLN F 27 -27.73 5.95 0.31
N GLY F 28 -28.34 4.76 0.21
CA GLY F 28 -27.90 3.56 0.97
C GLY F 28 -27.73 3.88 2.44
N THR F 29 -26.58 3.51 3.03
CA THR F 29 -26.30 3.69 4.48
C THR F 29 -25.95 5.16 4.78
N ASP F 30 -25.83 6.01 3.76
CA ASP F 30 -25.57 7.48 3.95
C ASP F 30 -26.90 8.21 4.17
N TYR F 31 -28.04 7.56 3.93
CA TYR F 31 -29.41 8.09 4.17
C TYR F 31 -29.48 8.68 5.59
N LYS F 32 -30.16 9.84 5.73
CA LYS F 32 -30.21 10.63 6.98
C LYS F 32 -30.56 9.75 8.17
N HIS F 33 -31.62 8.94 8.03
CA HIS F 33 -32.28 8.21 9.15
C HIS F 33 -31.90 6.73 9.13
N TRP F 34 -30.86 6.34 8.40
CA TRP F 34 -30.42 4.92 8.30
C TRP F 34 -30.18 4.36 9.70
N PRO F 35 -29.39 5.03 10.58
CA PRO F 35 -29.10 4.46 11.90
C PRO F 35 -30.37 4.13 12.68
N GLN F 36 -31.41 4.97 12.57
CA GLN F 36 -32.71 4.78 13.26
C GLN F 36 -33.47 3.58 12.66
N ILE F 37 -33.20 3.21 11.41
CA ILE F 37 -33.76 1.98 10.76
C ILE F 37 -32.94 0.76 11.19
N ALA F 38 -31.62 0.86 11.09
CA ALA F 38 -30.65 -0.24 11.30
C ALA F 38 -30.78 -0.83 12.71
N GLN F 39 -31.21 -0.03 13.69
CA GLN F 39 -31.33 -0.48 15.10
C GLN F 39 -32.32 -1.65 15.21
N PHE F 40 -33.26 -1.82 14.27
CA PHE F 40 -34.28 -2.88 14.33
C PHE F 40 -33.77 -4.19 13.73
N ALA F 41 -32.75 -4.12 12.87
CA ALA F 41 -32.10 -5.32 12.29
C ALA F 41 -31.63 -6.20 13.44
N PRO F 42 -31.95 -7.50 13.44
CA PRO F 42 -31.54 -8.40 14.51
C PRO F 42 -30.05 -8.74 14.43
N SER F 43 -29.39 -8.82 15.60
CA SER F 43 -28.04 -9.40 15.77
C SER F 43 -28.07 -10.86 15.28
N ALA F 44 -26.91 -11.46 15.05
CA ALA F 44 -26.80 -12.88 14.65
C ALA F 44 -27.49 -13.76 15.70
N SER F 45 -27.25 -13.53 17.00
CA SER F 45 -27.88 -14.29 18.11
C SER F 45 -29.40 -14.25 17.97
N ALA F 46 -29.95 -13.04 17.88
CA ALA F 46 -31.41 -12.78 17.71
C ALA F 46 -31.90 -13.49 16.44
N PHE F 47 -31.19 -13.33 15.32
CA PHE F 47 -31.64 -13.83 13.99
C PHE F 47 -31.90 -15.33 14.07
N PHE F 48 -30.96 -16.11 14.62
CA PHE F 48 -31.04 -17.59 14.72
C PHE F 48 -31.88 -17.99 15.94
N GLY F 49 -31.92 -17.16 16.97
CA GLY F 49 -32.73 -17.40 18.18
C GLY F 49 -34.23 -17.31 17.89
N MET F 50 -34.66 -16.19 17.31
CA MET F 50 -36.11 -15.84 17.27
C MET F 50 -36.74 -16.24 15.94
N SER F 51 -35.96 -16.38 14.86
CA SER F 51 -36.47 -16.74 13.51
C SER F 51 -36.80 -18.23 13.41
N ARG F 52 -37.71 -18.55 12.48
CA ARG F 52 -37.99 -19.90 11.96
C ARG F 52 -37.08 -20.10 10.76
N ILE F 53 -36.05 -20.94 10.94
CA ILE F 53 -35.03 -21.23 9.91
C ILE F 53 -35.41 -22.53 9.20
N GLY F 54 -35.36 -22.52 7.87
CA GLY F 54 -35.56 -23.71 7.03
C GLY F 54 -34.45 -23.81 6.00
N MET F 55 -34.39 -24.93 5.30
CA MET F 55 -33.44 -25.18 4.19
C MET F 55 -34.23 -25.77 3.01
N GLU F 56 -34.20 -25.12 1.86
CA GLU F 56 -34.92 -25.52 0.63
C GLU F 56 -33.89 -25.72 -0.48
N VAL F 57 -34.04 -26.78 -1.26
CA VAL F 57 -33.19 -27.08 -2.45
C VAL F 57 -34.06 -26.91 -3.69
N THR F 58 -33.58 -26.13 -4.66
CA THR F 58 -34.31 -25.77 -5.91
C THR F 58 -33.32 -25.86 -7.06
N PRO F 59 -33.75 -25.62 -8.32
CA PRO F 59 -32.83 -25.52 -9.45
C PRO F 59 -31.67 -24.55 -9.16
N SER F 60 -32.00 -23.33 -8.70
CA SER F 60 -31.06 -22.20 -8.46
C SER F 60 -29.97 -22.58 -7.45
N GLY F 61 -30.24 -23.47 -6.50
CA GLY F 61 -29.24 -23.99 -5.54
C GLY F 61 -29.87 -24.32 -4.20
N THR F 62 -29.09 -24.21 -3.11
CA THR F 62 -29.57 -24.45 -1.72
C THR F 62 -29.76 -23.10 -1.02
N TRP F 63 -30.93 -22.91 -0.39
CA TRP F 63 -31.37 -21.65 0.26
C TRP F 63 -31.60 -21.88 1.76
N LEU F 64 -31.22 -20.89 2.57
CA LEU F 64 -31.54 -20.83 4.01
C LEU F 64 -32.71 -19.88 4.19
N THR F 65 -33.92 -20.40 4.37
CA THR F 65 -35.16 -19.59 4.55
C THR F 65 -35.24 -19.10 5.99
N TYR F 66 -35.86 -17.94 6.19
CA TYR F 66 -36.04 -17.32 7.53
C TYR F 66 -37.34 -16.50 7.55
N THR F 67 -38.05 -16.66 8.67
CA THR F 67 -39.34 -16.00 9.03
C THR F 67 -39.27 -15.59 10.50
N GLY F 68 -39.78 -14.41 10.82
CA GLY F 68 -40.01 -14.02 12.22
C GLY F 68 -40.63 -12.64 12.29
N ALA F 69 -40.72 -12.11 13.50
CA ALA F 69 -41.30 -10.79 13.80
C ALA F 69 -40.64 -10.22 15.06
N ILE F 70 -40.21 -8.96 15.00
CA ILE F 70 -39.65 -8.22 16.16
C ILE F 70 -40.75 -7.35 16.76
N LYS F 71 -41.07 -7.53 18.05
CA LYS F 71 -42.04 -6.69 18.78
C LYS F 71 -41.36 -5.35 19.10
N LEU F 72 -41.96 -4.26 18.63
CA LEU F 72 -41.45 -2.89 18.90
C LEU F 72 -41.86 -2.49 20.32
N ASP F 73 -40.94 -1.85 21.04
CA ASP F 73 -41.11 -1.33 22.42
C ASP F 73 -41.94 -0.04 22.38
N ASP F 74 -43.24 -0.12 22.71
CA ASP F 74 -44.20 1.02 22.69
C ASP F 74 -43.88 1.98 23.84
N LYS F 75 -43.17 1.55 24.89
CA LYS F 75 -42.75 2.44 26.01
C LYS F 75 -41.58 3.31 25.55
N ASP F 76 -40.90 3.00 24.44
CA ASP F 76 -39.79 3.81 23.89
C ASP F 76 -40.33 5.20 23.53
N PRO F 77 -39.68 6.29 23.98
CA PRO F 77 -40.11 7.65 23.65
C PRO F 77 -40.31 7.92 22.15
N ASN F 78 -39.45 7.36 21.29
CA ASN F 78 -39.42 7.67 19.84
C ASN F 78 -40.33 6.71 19.06
N PHE F 79 -41.09 5.85 19.74
CA PHE F 79 -41.90 4.77 19.11
C PHE F 79 -42.74 5.33 17.96
N LYS F 80 -43.44 6.43 18.18
CA LYS F 80 -44.38 7.02 17.19
C LYS F 80 -43.60 7.41 15.92
N ASP F 81 -42.43 8.04 16.09
CA ASP F 81 -41.55 8.44 14.96
C ASP F 81 -41.00 7.19 14.24
N GLN F 82 -40.60 6.18 15.02
CA GLN F 82 -40.01 4.91 14.52
C GLN F 82 -41.01 4.20 13.60
N VAL F 83 -42.25 3.98 14.04
CA VAL F 83 -43.32 3.29 13.22
C VAL F 83 -43.55 4.07 11.92
N ILE F 84 -43.55 5.40 11.98
CA ILE F 84 -43.76 6.26 10.77
C ILE F 84 -42.62 6.00 9.78
N LEU F 85 -41.37 6.02 10.27
CA LEU F 85 -40.15 5.86 9.45
C LEU F 85 -40.17 4.48 8.76
N LEU F 86 -40.49 3.44 9.52
CA LEU F 86 -40.60 2.06 9.01
C LEU F 86 -41.74 1.98 8.00
N ASN F 87 -42.93 2.48 8.36
CA ASN F 87 -44.14 2.44 7.50
C ASN F 87 -43.85 3.14 6.18
N LYS F 88 -43.09 4.24 6.24
CA LYS F 88 -42.73 5.07 5.06
C LYS F 88 -42.02 4.19 4.02
N HIS F 89 -41.06 3.37 4.45
CA HIS F 89 -40.16 2.59 3.56
C HIS F 89 -40.79 1.24 3.17
N ILE F 90 -41.72 0.71 3.99
CA ILE F 90 -42.41 -0.57 3.69
C ILE F 90 -43.31 -0.36 2.47
N ASP F 91 -43.10 -1.14 1.40
CA ASP F 91 -43.90 -1.12 0.16
C ASP F 91 -43.93 0.30 -0.42
N ALA F 92 -42.85 1.07 -0.21
CA ALA F 92 -42.73 2.46 -0.70
C ALA F 92 -42.75 2.45 -2.23
N TYR F 93 -42.35 1.33 -2.87
CA TYR F 93 -42.28 1.20 -4.35
C TYR F 93 -43.65 1.48 -4.97
N LYS F 94 -44.74 1.30 -4.22
CA LYS F 94 -46.13 1.44 -4.74
C LYS F 94 -46.45 2.91 -5.05
N THR F 95 -45.63 3.85 -4.59
CA THR F 95 -45.84 5.32 -4.76
C THR F 95 -44.88 5.89 -5.82
N PHE F 96 -43.95 5.07 -6.34
CA PHE F 96 -42.92 5.52 -7.31
C PHE F 96 -43.58 5.89 -8.65
N PRO F 97 -43.43 7.14 -9.14
CA PRO F 97 -43.78 7.47 -10.52
C PRO F 97 -42.59 7.21 -11.47
N GLY G 1 -4.47 -37.21 -8.74
CA GLY G 1 -3.30 -37.91 -9.26
C GLY G 1 -2.19 -37.98 -8.23
N ASN G 2 -1.25 -38.93 -8.40
CA ASN G 2 -0.06 -39.20 -7.54
C ASN G 2 0.86 -37.98 -7.55
N VAL G 3 0.85 -37.22 -6.45
CA VAL G 3 1.51 -35.88 -6.33
C VAL G 3 3.02 -36.04 -6.52
N THR G 4 3.62 -37.01 -5.84
CA THR G 4 5.08 -37.32 -5.93
C THR G 4 5.46 -37.69 -7.37
N GLN G 5 4.64 -38.42 -8.12
CA GLN G 5 4.95 -38.74 -9.55
C GLN G 5 4.97 -37.45 -10.36
N ALA G 6 4.09 -36.49 -10.06
CA ALA G 6 3.93 -35.25 -10.85
C ALA G 6 4.98 -34.22 -10.44
N PHE G 7 5.21 -34.05 -9.13
CA PHE G 7 5.98 -32.90 -8.58
C PHE G 7 7.15 -33.38 -7.73
N GLY G 8 7.48 -34.68 -7.81
CA GLY G 8 8.62 -35.27 -7.08
C GLY G 8 8.28 -35.61 -5.63
N ARG G 9 9.21 -36.26 -4.93
CA ARG G 9 9.03 -36.73 -3.53
C ARG G 9 8.98 -35.51 -2.60
N ARG G 10 8.31 -35.63 -1.46
CA ARG G 10 8.30 -34.58 -0.41
C ARG G 10 9.58 -34.73 0.41
N GLY G 11 10.35 -33.66 0.61
CA GLY G 11 11.62 -33.74 1.36
C GLY G 11 12.10 -32.35 1.78
N PRO G 12 13.26 -32.28 2.46
CA PRO G 12 13.79 -31.02 2.95
C PRO G 12 14.65 -30.21 1.97
N GLU G 13 15.00 -30.75 0.81
CA GLU G 13 15.92 -30.08 -0.15
C GLU G 13 15.18 -28.85 -0.75
N GLN G 14 15.92 -27.83 -1.18
CA GLN G 14 15.35 -26.57 -1.75
C GLN G 14 14.59 -26.87 -3.05
N THR G 15 15.01 -27.90 -3.78
CA THR G 15 14.44 -28.32 -5.09
C THR G 15 13.19 -29.19 -4.91
N GLN G 16 12.92 -29.67 -3.68
CA GLN G 16 11.75 -30.54 -3.38
C GLN G 16 10.58 -29.69 -2.87
N GLY G 17 9.36 -30.17 -3.11
CA GLY G 17 8.15 -29.71 -2.39
C GLY G 17 8.12 -30.35 -1.01
N ASN G 18 7.52 -29.70 -0.01
CA ASN G 18 7.47 -30.24 1.37
C ASN G 18 6.02 -30.48 1.81
N PHE G 19 5.05 -30.03 1.00
CA PHE G 19 3.62 -30.01 1.38
C PHE G 19 2.96 -31.32 0.99
N GLY G 20 2.21 -31.94 1.91
CA GLY G 20 1.42 -33.16 1.64
C GLY G 20 1.74 -34.29 2.61
N ASP G 21 0.68 -34.90 3.16
CA ASP G 21 0.72 -36.13 3.98
C ASP G 21 0.39 -37.31 3.07
N GLN G 22 0.43 -38.54 3.57
CA GLN G 22 0.36 -39.77 2.73
C GLN G 22 -0.96 -39.78 1.95
N GLU G 23 -2.04 -39.28 2.56
CA GLU G 23 -3.41 -39.32 1.97
C GLU G 23 -3.45 -38.39 0.76
N LEU G 24 -2.92 -37.17 0.91
CA LEU G 24 -2.95 -36.13 -0.15
C LEU G 24 -2.07 -36.57 -1.34
N ILE G 25 -0.88 -37.11 -1.05
CA ILE G 25 0.12 -37.51 -2.09
C ILE G 25 -0.46 -38.62 -2.98
N ARG G 26 -1.35 -39.44 -2.41
CA ARG G 26 -1.97 -40.61 -3.11
C ARG G 26 -3.24 -40.14 -3.84
N GLN G 27 -4.07 -39.31 -3.22
CA GLN G 27 -5.41 -38.95 -3.73
C GLN G 27 -5.37 -37.66 -4.55
N GLY G 28 -4.27 -36.91 -4.55
CA GLY G 28 -4.12 -35.64 -5.30
C GLY G 28 -5.32 -34.74 -5.11
N THR G 29 -5.94 -34.25 -6.19
CA THR G 29 -7.08 -33.31 -6.13
C THR G 29 -8.37 -34.01 -5.73
N ASP G 30 -8.37 -35.34 -5.62
CA ASP G 30 -9.55 -36.14 -5.17
C ASP G 30 -9.57 -36.22 -3.64
N TYR G 31 -8.50 -35.82 -2.97
CA TYR G 31 -8.40 -35.74 -1.48
C TYR G 31 -9.62 -34.99 -0.91
N LYS G 32 -10.17 -35.48 0.21
CA LYS G 32 -11.44 -34.98 0.80
C LYS G 32 -11.38 -33.47 0.96
N HIS G 33 -10.30 -32.93 1.52
CA HIS G 33 -10.19 -31.52 1.96
C HIS G 33 -9.37 -30.68 0.96
N TRP G 34 -9.14 -31.19 -0.25
CA TRP G 34 -8.32 -30.47 -1.27
C TRP G 34 -8.91 -29.07 -1.51
N PRO G 35 -10.23 -28.93 -1.78
CA PRO G 35 -10.81 -27.62 -2.09
C PRO G 35 -10.51 -26.58 -0.99
N GLN G 36 -10.52 -27.01 0.27
CA GLN G 36 -10.24 -26.13 1.46
C GLN G 36 -8.76 -25.73 1.47
N ILE G 37 -7.87 -26.53 0.88
CA ILE G 37 -6.42 -26.20 0.72
C ILE G 37 -6.25 -25.26 -0.50
N ALA G 38 -6.85 -25.64 -1.63
CA ALA G 38 -6.68 -25.01 -2.96
C ALA G 38 -7.08 -23.53 -2.91
N GLN G 39 -8.01 -23.15 -2.03
CA GLN G 39 -8.51 -21.76 -1.93
C GLN G 39 -7.34 -20.80 -1.59
N PHE G 40 -6.26 -21.28 -0.99
CA PHE G 40 -5.11 -20.43 -0.59
C PHE G 40 -4.12 -20.24 -1.74
N ALA G 41 -4.12 -21.15 -2.72
CA ALA G 41 -3.29 -21.01 -3.94
C ALA G 41 -3.66 -19.70 -4.63
N PRO G 42 -2.68 -18.85 -4.97
CA PRO G 42 -2.97 -17.56 -5.58
C PRO G 42 -3.41 -17.67 -7.04
N SER G 43 -4.36 -16.83 -7.43
CA SER G 43 -4.71 -16.56 -8.86
C SER G 43 -3.48 -16.02 -9.57
N ALA G 44 -3.50 -16.00 -10.90
CA ALA G 44 -2.40 -15.47 -11.73
C ALA G 44 -2.12 -14.02 -11.33
N SER G 45 -3.15 -13.18 -11.20
CA SER G 45 -3.04 -11.76 -10.80
C SER G 45 -2.26 -11.66 -9.50
N ALA G 46 -2.74 -12.37 -8.47
CA ALA G 46 -2.14 -12.43 -7.12
C ALA G 46 -0.69 -12.92 -7.22
N PHE G 47 -0.45 -14.00 -7.97
CA PHE G 47 0.86 -14.68 -8.03
C PHE G 47 1.94 -13.68 -8.46
N PHE G 48 1.68 -12.93 -9.55
CA PHE G 48 2.64 -11.96 -10.13
C PHE G 48 2.58 -10.63 -9.37
N GLY G 49 1.42 -10.30 -8.79
CA GLY G 49 1.24 -9.07 -7.99
C GLY G 49 2.01 -9.11 -6.68
N MET G 50 1.85 -10.17 -5.89
CA MET G 50 2.33 -10.18 -4.48
C MET G 50 3.70 -10.86 -4.37
N SER G 51 4.08 -11.74 -5.31
CA SER G 51 5.32 -12.55 -5.20
C SER G 51 6.56 -11.73 -5.59
N ARG G 52 7.72 -12.16 -5.08
CA ARG G 52 9.07 -11.77 -5.54
C ARG G 52 9.46 -12.74 -6.66
N ILE G 53 9.43 -12.28 -7.90
CA ILE G 53 9.73 -13.09 -9.11
C ILE G 53 11.17 -12.80 -9.52
N GLY G 54 11.94 -13.85 -9.79
CA GLY G 54 13.30 -13.76 -10.35
C GLY G 54 13.43 -14.69 -11.54
N MET G 55 14.50 -14.52 -12.30
CA MET G 55 14.94 -15.47 -13.36
C MET G 55 16.40 -15.85 -13.14
N GLU G 56 16.66 -17.14 -12.95
CA GLU G 56 17.99 -17.69 -12.65
C GLU G 56 18.36 -18.68 -13.75
N VAL G 57 19.58 -18.59 -14.25
CA VAL G 57 20.14 -19.50 -15.28
C VAL G 57 21.21 -20.36 -14.59
N THR G 58 21.11 -21.67 -14.73
CA THR G 58 21.98 -22.67 -14.05
C THR G 58 22.32 -23.75 -15.06
N PRO G 59 23.17 -24.74 -14.70
CA PRO G 59 23.41 -25.88 -15.59
C PRO G 59 22.09 -26.53 -16.06
N SER G 60 21.17 -26.82 -15.13
CA SER G 60 19.89 -27.53 -15.36
C SER G 60 19.01 -26.80 -16.38
N GLY G 61 19.09 -25.48 -16.48
CA GLY G 61 18.36 -24.67 -17.49
C GLY G 61 18.02 -23.28 -16.98
N THR G 62 16.94 -22.69 -17.47
CA THR G 62 16.43 -21.37 -17.04
C THR G 62 15.19 -21.58 -16.15
N TRP G 63 15.19 -20.94 -14.97
CA TRP G 63 14.14 -21.07 -13.93
C TRP G 63 13.47 -19.71 -13.68
N LEU G 64 12.17 -19.71 -13.45
CA LEU G 64 11.39 -18.58 -12.91
C LEU G 64 11.23 -18.81 -11.40
N THR G 65 12.01 -18.11 -10.58
CA THR G 65 11.95 -18.23 -9.10
C THR G 65 10.79 -17.38 -8.58
N TYR G 66 10.19 -17.82 -7.47
CA TYR G 66 9.07 -17.09 -6.81
C TYR G 66 9.11 -17.35 -5.30
N THR G 67 8.89 -16.26 -4.56
CA THR G 67 8.77 -16.17 -3.09
C THR G 67 7.60 -15.27 -2.74
N GLY G 68 6.84 -15.62 -1.71
CA GLY G 68 5.86 -14.68 -1.12
C GLY G 68 5.33 -15.22 0.18
N ALA G 69 4.34 -14.52 0.74
CA ALA G 69 3.55 -14.95 1.89
C ALA G 69 2.13 -14.40 1.74
N ILE G 70 1.14 -15.27 1.93
CA ILE G 70 -0.30 -14.92 1.92
C ILE G 70 -0.76 -14.74 3.37
N LYS G 71 -1.32 -13.57 3.71
CA LYS G 71 -1.90 -13.32 5.06
C LYS G 71 -3.24 -14.04 5.13
N LEU G 72 -3.38 -14.95 6.10
CA LEU G 72 -4.63 -15.69 6.36
C LEU G 72 -5.54 -14.76 7.15
N ASP G 73 -6.83 -14.72 6.78
CA ASP G 73 -7.87 -13.85 7.37
C ASP G 73 -8.35 -14.50 8.68
N ASP G 74 -7.90 -13.98 9.83
CA ASP G 74 -8.22 -14.50 11.19
C ASP G 74 -9.69 -14.20 11.54
N LYS G 75 -10.33 -13.22 10.88
CA LYS G 75 -11.77 -12.92 11.09
C LYS G 75 -12.63 -13.99 10.39
N ASP G 76 -12.07 -14.78 9.48
CA ASP G 76 -12.80 -15.88 8.79
C ASP G 76 -13.23 -16.91 9.84
N PRO G 77 -14.52 -17.31 9.84
CA PRO G 77 -15.03 -18.30 10.79
C PRO G 77 -14.22 -19.61 10.83
N ASN G 78 -13.75 -20.10 9.69
CA ASN G 78 -13.10 -21.42 9.57
C ASN G 78 -11.59 -21.34 9.81
N PHE G 79 -11.08 -20.16 10.20
CA PHE G 79 -9.63 -19.89 10.33
C PHE G 79 -8.93 -21.00 11.12
N LYS G 80 -9.48 -21.36 12.27
CA LYS G 80 -8.89 -22.34 13.23
C LYS G 80 -8.69 -23.68 12.51
N ASP G 81 -9.72 -24.14 11.78
CA ASP G 81 -9.70 -25.42 11.02
C ASP G 81 -8.68 -25.31 9.87
N GLN G 82 -8.68 -24.17 9.18
CA GLN G 82 -7.81 -23.91 8.00
C GLN G 82 -6.33 -24.03 8.39
N VAL G 83 -5.89 -23.34 9.46
CA VAL G 83 -4.46 -23.37 9.91
C VAL G 83 -4.07 -24.80 10.28
N ILE G 84 -4.97 -25.54 10.92
CA ILE G 84 -4.71 -26.95 11.34
C ILE G 84 -4.47 -27.79 10.08
N LEU G 85 -5.34 -27.66 9.08
CA LEU G 85 -5.29 -28.44 7.81
C LEU G 85 -3.98 -28.18 7.08
N LEU G 86 -3.60 -26.90 6.98
CA LEU G 86 -2.34 -26.47 6.33
C LEU G 86 -1.15 -27.00 7.15
N ASN G 87 -1.16 -26.78 8.47
CA ASN G 87 -0.05 -27.20 9.36
C ASN G 87 0.14 -28.73 9.25
N LYS G 88 -0.96 -29.46 9.13
CA LYS G 88 -0.96 -30.94 9.05
C LYS G 88 -0.11 -31.39 7.87
N HIS G 89 -0.26 -30.75 6.72
CA HIS G 89 0.37 -31.16 5.44
C HIS G 89 1.78 -30.57 5.28
N ILE G 90 2.08 -29.46 5.96
CA ILE G 90 3.43 -28.84 5.92
C ILE G 90 4.41 -29.78 6.62
N ASP G 91 5.44 -30.20 5.89
CA ASP G 91 6.54 -31.07 6.40
C ASP G 91 5.95 -32.37 6.98
N ALA G 92 4.82 -32.82 6.45
CA ALA G 92 4.15 -34.06 6.91
C ALA G 92 5.04 -35.27 6.61
N TYR G 93 5.97 -35.16 5.64
CA TYR G 93 6.91 -36.25 5.25
C TYR G 93 7.73 -36.69 6.46
N LYS G 94 7.91 -35.84 7.46
CA LYS G 94 8.76 -36.12 8.66
C LYS G 94 8.13 -37.21 9.53
N THR G 95 6.86 -37.55 9.30
CA THR G 95 6.10 -38.55 10.10
C THR G 95 5.95 -39.87 9.34
N PHE G 96 6.38 -39.92 8.08
CA PHE G 96 6.27 -41.12 7.20
C PHE G 96 7.23 -42.19 7.72
N PRO G 97 6.74 -43.43 7.97
CA PRO G 97 7.64 -44.52 8.33
C PRO G 97 8.70 -44.69 7.25
N PRO G 98 9.92 -45.15 7.58
CA PRO G 98 10.95 -45.40 6.57
C PRO G 98 10.62 -46.68 5.75
N THR G 99 11.32 -46.90 4.65
CA THR G 99 11.17 -48.09 3.74
C THR G 99 12.54 -48.77 3.56
N ALA H 6 -2.27 -2.72 -5.93
CA ALA H 6 -3.15 -3.82 -5.39
C ALA H 6 -2.48 -4.51 -4.18
N PHE H 7 -1.16 -4.70 -4.26
CA PHE H 7 -0.35 -5.42 -3.25
C PHE H 7 0.80 -4.55 -2.76
N GLY H 8 0.65 -3.23 -2.86
CA GLY H 8 1.64 -2.25 -2.39
C GLY H 8 2.71 -1.98 -3.42
N ARG H 9 3.71 -1.18 -3.04
CA ARG H 9 4.75 -0.61 -3.94
C ARG H 9 5.67 -1.75 -4.40
N ARG H 10 6.28 -1.62 -5.58
CA ARG H 10 7.36 -2.54 -6.04
C ARG H 10 8.66 -2.08 -5.39
N GLY H 11 9.40 -2.98 -4.75
CA GLY H 11 10.67 -2.61 -4.07
C GLY H 11 11.49 -3.85 -3.73
N PRO H 12 12.65 -3.70 -3.06
CA PRO H 12 13.54 -4.82 -2.77
C PRO H 12 13.22 -5.57 -1.46
N GLU H 13 12.32 -5.07 -0.61
CA GLU H 13 12.03 -5.68 0.73
C GLU H 13 11.37 -7.05 0.55
N GLN H 14 11.52 -7.93 1.53
CA GLN H 14 10.92 -9.30 1.56
C GLN H 14 9.39 -9.20 1.53
N THR H 15 8.81 -8.14 2.12
CA THR H 15 7.35 -7.93 2.24
C THR H 15 6.77 -7.32 0.96
N GLN H 16 7.61 -6.83 0.05
CA GLN H 16 7.18 -6.17 -1.21
C GLN H 16 7.18 -7.17 -2.37
N GLY H 17 6.33 -6.96 -3.37
CA GLY H 17 6.47 -7.57 -4.71
C GLY H 17 7.51 -6.80 -5.49
N ASN H 18 8.16 -7.42 -6.48
CA ASN H 18 9.18 -6.73 -7.31
C ASN H 18 8.75 -6.72 -8.79
N PHE H 19 7.69 -7.44 -9.13
CA PHE H 19 7.28 -7.68 -10.53
C PHE H 19 6.33 -6.57 -11.00
N GLY H 20 6.59 -6.01 -12.18
CA GLY H 20 5.68 -5.08 -12.89
C GLY H 20 6.39 -3.78 -13.27
N ASP H 21 6.23 -3.36 -14.52
CA ASP H 21 6.67 -2.05 -15.06
C ASP H 21 5.46 -1.11 -15.04
N GLN H 22 5.68 0.16 -15.38
CA GLN H 22 4.67 1.22 -15.16
C GLN H 22 3.42 0.91 -15.99
N GLU H 23 3.56 0.29 -17.16
CA GLU H 23 2.40 0.00 -18.04
C GLU H 23 1.51 -1.06 -17.40
N LEU H 24 2.10 -2.13 -16.88
CA LEU H 24 1.35 -3.26 -16.25
C LEU H 24 0.65 -2.78 -14.97
N ILE H 25 1.33 -1.97 -14.15
CA ILE H 25 0.80 -1.47 -12.85
C ILE H 25 -0.46 -0.62 -13.08
N ARG H 26 -0.53 0.06 -14.23
CA ARG H 26 -1.66 0.97 -14.59
C ARG H 26 -2.77 0.18 -15.29
N GLN H 27 -2.42 -0.75 -16.19
CA GLN H 27 -3.41 -1.45 -17.07
C GLN H 27 -3.87 -2.78 -16.45
N GLY H 28 -3.21 -3.24 -15.37
CA GLY H 28 -3.58 -4.51 -14.70
C GLY H 28 -3.74 -5.64 -15.70
N THR H 29 -4.84 -6.39 -15.64
CA THR H 29 -5.07 -7.60 -16.50
C THR H 29 -5.50 -7.15 -17.90
N ASP H 30 -5.71 -5.85 -18.15
CA ASP H 30 -6.02 -5.30 -19.50
C ASP H 30 -4.73 -5.06 -20.29
N TYR H 31 -3.57 -5.13 -19.63
CA TYR H 31 -2.21 -5.04 -20.25
C TYR H 31 -2.14 -5.95 -21.49
N LYS H 32 -1.52 -5.45 -22.56
CA LYS H 32 -1.44 -6.11 -23.90
C LYS H 32 -1.03 -7.58 -23.73
N HIS H 33 0.06 -7.81 -23.01
CA HIS H 33 0.77 -9.12 -22.95
C HIS H 33 0.48 -9.86 -21.65
N TRP H 34 -0.56 -9.47 -20.92
CA TRP H 34 -0.92 -10.12 -19.63
C TRP H 34 -1.10 -11.63 -19.84
N PRO H 35 -1.90 -12.09 -20.83
CA PRO H 35 -2.14 -13.52 -21.02
C PRO H 35 -0.83 -14.30 -21.17
N GLN H 36 0.16 -13.74 -21.85
CA GLN H 36 1.49 -14.36 -22.09
C GLN H 36 2.29 -14.42 -20.78
N ILE H 37 2.00 -13.54 -19.82
CA ILE H 37 2.63 -13.57 -18.45
C ILE H 37 1.88 -14.61 -17.60
N ALA H 38 0.55 -14.53 -17.59
CA ALA H 38 -0.34 -15.31 -16.71
C ALA H 38 -0.15 -16.82 -16.91
N GLN H 39 0.25 -17.24 -18.11
CA GLN H 39 0.43 -18.67 -18.45
C GLN H 39 1.49 -19.32 -17.53
N PHE H 40 2.41 -18.54 -16.95
CA PHE H 40 3.51 -19.08 -16.10
C PHE H 40 3.05 -19.23 -14.65
N ALA H 41 2.00 -18.51 -14.23
CA ALA H 41 1.41 -18.66 -12.89
C ALA H 41 1.01 -20.14 -12.69
N PRO H 42 1.42 -20.78 -11.58
CA PRO H 42 1.08 -22.17 -11.32
C PRO H 42 -0.40 -22.35 -10.94
N SER H 43 -1.00 -23.44 -11.41
CA SER H 43 -2.30 -23.97 -10.91
C SER H 43 -2.19 -24.25 -9.41
N ALA H 44 -3.33 -24.40 -8.73
CA ALA H 44 -3.37 -24.75 -7.29
C ALA H 44 -2.60 -26.05 -7.06
N SER H 45 -2.82 -27.08 -7.88
CA SER H 45 -2.11 -28.39 -7.79
C SER H 45 -0.60 -28.15 -7.80
N ALA H 46 -0.11 -27.46 -8.82
CA ALA H 46 1.32 -27.09 -9.01
C ALA H 46 1.80 -26.30 -7.80
N PHE H 47 1.05 -25.29 -7.37
CA PHE H 47 1.47 -24.35 -6.29
C PHE H 47 1.83 -25.13 -5.04
N PHE H 48 0.96 -26.04 -4.60
CA PHE H 48 1.14 -26.85 -3.36
C PHE H 48 2.04 -28.06 -3.63
N GLY H 49 2.06 -28.55 -4.87
CA GLY H 49 2.91 -29.68 -5.29
C GLY H 49 4.39 -29.32 -5.32
N MET H 50 4.74 -28.22 -5.98
CA MET H 50 6.14 -27.86 -6.31
C MET H 50 6.75 -26.95 -5.24
N SER H 51 5.94 -26.15 -4.53
CA SER H 51 6.44 -25.08 -3.64
C SER H 51 6.93 -25.66 -2.31
N ARG H 52 7.82 -24.92 -1.66
CA ARG H 52 8.16 -25.04 -0.22
C ARG H 52 7.20 -24.15 0.56
N ILE H 53 6.24 -24.77 1.24
CA ILE H 53 5.19 -24.08 2.03
C ILE H 53 5.64 -24.04 3.48
N GLY H 54 5.52 -22.87 4.11
CA GLY H 54 5.73 -22.68 5.56
C GLY H 54 4.59 -21.91 6.16
N MET H 55 4.58 -21.79 7.48
CA MET H 55 3.64 -20.93 8.25
C MET H 55 4.45 -20.09 9.24
N GLU H 56 4.31 -18.76 9.18
CA GLU H 56 4.97 -17.81 10.09
C GLU H 56 3.90 -17.02 10.83
N VAL H 57 4.09 -16.80 12.13
CA VAL H 57 3.24 -15.92 12.98
C VAL H 57 4.06 -14.68 13.32
N THR H 58 3.48 -13.50 13.12
CA THR H 58 4.13 -12.19 13.34
C THR H 58 3.09 -11.28 14.01
N PRO H 59 3.46 -10.02 14.37
CA PRO H 59 2.48 -9.05 14.85
C PRO H 59 1.28 -8.93 13.89
N SER H 60 1.55 -8.75 12.60
CA SER H 60 0.53 -8.50 11.52
C SER H 60 -0.50 -9.65 11.44
N GLY H 61 -0.11 -10.89 11.76
CA GLY H 61 -1.03 -12.04 11.81
C GLY H 61 -0.32 -13.33 11.46
N THR H 62 -1.06 -14.29 10.90
CA THR H 62 -0.53 -15.61 10.46
C THR H 62 -0.39 -15.60 8.93
N TRP H 63 0.77 -16.00 8.43
CA TRP H 63 1.16 -16.00 6.99
C TRP H 63 1.43 -17.44 6.52
N LEU H 64 1.01 -17.74 5.29
CA LEU H 64 1.41 -18.95 4.55
C LEU H 64 2.54 -18.57 3.59
N THR H 65 3.79 -18.90 3.93
CA THR H 65 4.98 -18.57 3.11
C THR H 65 5.10 -19.61 2.00
N TYR H 66 5.67 -19.19 0.86
CA TYR H 66 5.87 -20.06 -0.32
C TYR H 66 7.14 -19.62 -1.09
N THR H 67 7.89 -20.63 -1.51
CA THR H 67 9.14 -20.57 -2.31
C THR H 67 9.08 -21.67 -3.36
N GLY H 68 9.58 -21.39 -4.56
CA GLY H 68 9.83 -22.42 -5.57
C GLY H 68 10.37 -21.81 -6.83
N ALA H 69 10.45 -22.61 -7.89
CA ALA H 69 10.90 -22.20 -9.23
C ALA H 69 10.20 -23.08 -10.26
N ILE H 70 9.70 -22.45 -11.32
CA ILE H 70 9.18 -23.14 -12.54
C ILE H 70 10.29 -23.14 -13.58
N LYS H 71 10.69 -24.30 -14.08
CA LYS H 71 11.67 -24.43 -15.19
C LYS H 71 10.95 -24.07 -16.49
N LEU H 72 11.44 -23.06 -17.21
CA LEU H 72 10.88 -22.64 -18.51
C LEU H 72 11.38 -23.61 -19.58
N ASP H 73 10.47 -23.99 -20.48
CA ASP H 73 10.71 -24.94 -21.60
C ASP H 73 11.47 -24.22 -22.72
N ASP H 74 12.79 -24.46 -22.83
CA ASP H 74 13.69 -23.82 -23.83
C ASP H 74 13.40 -24.37 -25.24
N LYS H 75 12.76 -25.55 -25.36
CA LYS H 75 12.35 -26.10 -26.68
C LYS H 75 11.11 -25.34 -27.19
N ASP H 76 10.41 -24.58 -26.35
CA ASP H 76 9.24 -23.75 -26.78
C ASP H 76 9.71 -22.72 -27.80
N PRO H 77 9.03 -22.61 -28.96
CA PRO H 77 9.39 -21.62 -29.98
C PRO H 77 9.52 -20.18 -29.46
N ASN H 78 8.63 -19.77 -28.55
CA ASN H 78 8.52 -18.36 -28.09
C ASN H 78 9.42 -18.10 -26.87
N PHE H 79 10.25 -19.07 -26.48
CA PHE H 79 11.06 -19.01 -25.24
C PHE H 79 11.81 -17.68 -25.14
N LYS H 80 12.49 -17.27 -26.20
CA LYS H 80 13.33 -16.05 -26.24
C LYS H 80 12.47 -14.83 -25.95
N ASP H 81 11.30 -14.73 -26.55
CA ASP H 81 10.33 -13.61 -26.35
C ASP H 81 9.79 -13.64 -24.91
N GLN H 82 9.48 -14.84 -24.41
CA GLN H 82 8.92 -15.08 -23.05
C GLN H 82 9.89 -14.54 -21.99
N VAL H 83 11.17 -14.95 -22.02
CA VAL H 83 12.21 -14.50 -21.06
C VAL H 83 12.35 -12.98 -21.11
N ILE H 84 12.29 -12.36 -22.28
CA ILE H 84 12.40 -10.88 -22.45
C ILE H 84 11.23 -10.23 -21.72
N LEU H 85 10.01 -10.72 -21.95
CA LEU H 85 8.76 -10.15 -21.36
C LEU H 85 8.83 -10.22 -19.83
N LEU H 86 9.23 -11.39 -19.31
CA LEU H 86 9.37 -11.63 -17.86
C LEU H 86 10.49 -10.72 -17.32
N ASN H 87 11.65 -10.74 -17.95
CA ASN H 87 12.83 -9.93 -17.52
C ASN H 87 12.48 -8.46 -17.48
N LYS H 88 11.67 -8.01 -18.42
CA LYS H 88 11.24 -6.58 -18.53
C LYS H 88 10.56 -6.15 -17.24
N HIS H 89 9.66 -6.98 -16.71
CA HIS H 89 8.79 -6.65 -15.54
C HIS H 89 9.50 -6.97 -14.21
N ILE H 90 10.45 -7.91 -14.21
CA ILE H 90 11.22 -8.28 -12.99
C ILE H 90 12.11 -7.10 -12.60
N ASP H 91 11.96 -6.59 -11.38
CA ASP H 91 12.77 -5.50 -10.81
C ASP H 91 12.70 -4.27 -11.74
N ALA H 92 11.57 -4.09 -12.43
CA ALA H 92 11.35 -2.95 -13.35
C ALA H 92 11.37 -1.64 -12.54
N TYR H 93 11.07 -1.69 -11.23
CA TYR H 93 11.05 -0.51 -10.33
C TYR H 93 12.41 0.21 -10.35
N LYS H 94 13.50 -0.50 -10.66
CA LYS H 94 14.89 0.05 -10.62
C LYS H 94 15.08 1.06 -11.76
N THR H 95 14.13 1.12 -12.71
CA THR H 95 13.89 2.23 -13.69
C THR H 95 12.66 3.04 -13.25
#